data_5VM2
#
_entry.id   5VM2
#
_cell.length_a   63.994
_cell.length_b   70.888
_cell.length_c   149.460
_cell.angle_alpha   90.00
_cell.angle_beta   90.00
_cell.angle_gamma   90.00
#
_symmetry.space_group_name_H-M   'P 2 21 21'
#
loop_
_entity.id
_entity.type
_entity.pdbx_description
1 polymer 'Alcohol dehydrogenase'
2 non-polymer 'MAGNESIUM ION'
3 non-polymer 'ZINC ION'
4 non-polymer 'CHLORIDE ION'
5 water water
#
_entity_poly.entity_id   1
_entity_poly.type   'polypeptide(L)'
_entity_poly.pdbx_seq_one_letter_code
;MKNSKAILQVPGTMKIISAEIPVPKEDEVLIKVEYVGI(CSO)GSDVHGFESGPFIPPKDPNQEIGLGHECAGTVVAVGS
RVRKFKPGDRVNIEPGVPCGHCRYCLEGKYNICPDVDFMATQPNYRGALTHYLCHPESFTYKLPDNMDTMEGTLVEPAAV
GMHAAMLADVKPGKKIIILGAGCIGLMTLQACKCLGATEIAVVDVLEKRLAMAEQLGATVVINGAKEDTIARCQQFTEDM
GADIVFETAGSAVTVKQAPYLVMRGGKIMIVGTVPGASAINFLKINREVTIQTVFRYANRYPVTIEAISSGRFDVKSMVT
HIYDYRDVQQAFEESVNNKRDIIKGVIKISD
;
_entity_poly.pdbx_strand_id   A,B
#
loop_
_chem_comp.id
_chem_comp.type
_chem_comp.name
_chem_comp.formula
CL non-polymer 'CHLORIDE ION' 'Cl -1'
MG non-polymer 'MAGNESIUM ION' 'Mg 2'
ZN non-polymer 'ZINC ION' 'Zn 2'
#
# COMPACT_ATOMS: atom_id res chain seq x y z
N MET A 1 33.69 6.86 30.45
CA MET A 1 35.03 6.40 30.73
C MET A 1 35.05 4.91 31.09
N LYS A 2 33.93 4.46 31.65
CA LYS A 2 33.76 3.08 32.06
C LYS A 2 32.46 2.52 31.46
N ASN A 3 32.36 1.20 31.44
CA ASN A 3 31.21 0.50 30.92
C ASN A 3 30.68 -0.49 31.94
N SER A 4 29.47 -0.98 31.69
CA SER A 4 28.89 -2.07 32.45
C SER A 4 27.87 -2.77 31.57
N LYS A 5 27.49 -3.99 31.96
CA LYS A 5 26.46 -4.73 31.26
C LYS A 5 25.55 -5.42 32.26
N ALA A 6 24.29 -5.55 31.89
CA ALA A 6 23.34 -6.38 32.64
C ALA A 6 23.43 -7.81 32.13
N ILE A 7 23.71 -8.75 33.04
CA ILE A 7 23.96 -10.14 32.69
C ILE A 7 22.91 -11.01 33.35
N LEU A 8 22.46 -12.05 32.64
CA LEU A 8 21.64 -13.10 33.24
C LEU A 8 22.57 -14.03 34.00
N GLN A 9 22.75 -13.75 35.29
CA GLN A 9 23.63 -14.56 36.12
C GLN A 9 23.13 -15.99 36.23
N VAL A 10 21.81 -16.16 36.32
CA VAL A 10 21.16 -17.45 36.26
C VAL A 10 19.72 -17.13 35.89
N PRO A 11 19.00 -18.05 35.25
CA PRO A 11 17.62 -17.75 34.86
C PRO A 11 16.80 -17.16 36.00
N GLY A 12 16.21 -15.99 35.75
CA GLY A 12 15.45 -15.27 36.73
C GLY A 12 16.22 -14.24 37.54
N THR A 13 17.53 -14.14 37.33
CA THR A 13 18.38 -13.27 38.15
C THR A 13 19.34 -12.47 37.27
N MET A 14 19.10 -11.17 37.18
CA MET A 14 19.98 -10.22 36.52
C MET A 14 20.84 -9.50 37.54
N LYS A 15 22.08 -9.17 37.13
CA LYS A 15 22.81 -8.09 37.79
C LYS A 15 23.70 -7.40 36.79
N ILE A 16 24.23 -6.25 37.22
CA ILE A 16 25.05 -5.37 36.40
C ILE A 16 26.49 -5.52 36.87
N ILE A 17 27.36 -5.96 35.97
CA ILE A 17 28.77 -6.14 36.29
C ILE A 17 29.58 -5.18 35.43
N SER A 18 30.83 -4.97 35.84
CA SER A 18 31.72 -4.10 35.09
C SER A 18 32.04 -4.72 33.73
N ALA A 19 32.37 -3.85 32.78
CA ALA A 19 32.75 -4.27 31.44
C ALA A 19 33.66 -3.21 30.84
N GLU A 20 34.50 -3.64 29.91
CA GLU A 20 35.38 -2.72 29.24
C GLU A 20 34.64 -2.04 28.08
N ILE A 21 35.07 -0.83 27.75
CA ILE A 21 34.49 -0.11 26.63
C ILE A 21 35.02 -0.73 25.35
N PRO A 22 34.15 -1.24 24.48
CA PRO A 22 34.64 -1.90 23.26
C PRO A 22 35.32 -0.90 22.33
N VAL A 23 36.23 -1.42 21.53
CA VAL A 23 36.93 -0.63 20.52
C VAL A 23 36.30 -0.94 19.17
N PRO A 24 35.79 0.05 18.44
CA PRO A 24 35.14 -0.24 17.16
C PRO A 24 36.16 -0.73 16.14
N LYS A 25 35.80 -1.81 15.44
CA LYS A 25 36.56 -2.18 14.26
C LYS A 25 36.42 -1.09 13.20
N GLU A 26 37.19 -1.22 12.13
CA GLU A 26 37.31 -0.12 11.18
C GLU A 26 36.01 0.15 10.42
N ASP A 27 35.06 -0.78 10.43
CA ASP A 27 33.77 -0.57 9.77
C ASP A 27 32.62 -0.41 10.75
N GLU A 28 32.91 -0.17 12.02
CA GLU A 28 31.90 -0.14 13.06
C GLU A 28 31.77 1.25 13.67
N VAL A 29 30.62 1.47 14.31
CA VAL A 29 30.38 2.65 15.14
C VAL A 29 30.42 2.21 16.59
N LEU A 30 30.83 3.13 17.46
CA LEU A 30 30.70 2.96 18.90
C LEU A 30 29.59 3.88 19.38
N ILE A 31 28.55 3.31 19.95
CA ILE A 31 27.31 3.97 20.36
C ILE A 31 27.21 3.99 21.88
N LYS A 32 26.74 5.08 22.47
CA LYS A 32 26.33 5.09 23.86
C LYS A 32 24.84 4.75 23.90
N VAL A 33 24.51 3.57 24.44
CA VAL A 33 23.12 3.12 24.45
C VAL A 33 22.30 4.03 25.37
N GLU A 34 21.12 4.41 24.89
CA GLU A 34 20.20 5.25 25.66
C GLU A 34 18.92 4.54 26.03
N TYR A 35 18.40 3.68 25.16
CA TYR A 35 17.18 2.93 25.45
C TYR A 35 17.34 1.51 24.93
N VAL A 36 16.74 0.57 25.64
CA VAL A 36 16.70 -0.83 25.23
C VAL A 36 15.27 -1.32 25.42
N GLY A 37 14.67 -1.84 24.35
CA GLY A 37 13.33 -2.35 24.45
C GLY A 37 13.28 -3.70 25.14
N ILE A 38 12.12 -4.04 25.68
CA ILE A 38 11.91 -5.39 26.20
C ILE A 38 10.91 -6.12 25.31
N CSO A 39 11.32 -7.16 24.56
CA CSO A 39 10.30 -7.96 23.86
CB CSO A 39 10.48 -7.99 22.33
SG CSO A 39 8.81 -8.04 21.54
C CSO A 39 10.25 -9.37 24.39
O CSO A 39 11.03 -9.75 25.27
OD CSO A 39 8.10 -6.44 21.68
N GLY A 40 9.31 -10.14 23.85
CA GLY A 40 9.04 -11.50 24.28
C GLY A 40 10.29 -12.35 24.39
N SER A 41 11.19 -12.17 23.43
CA SER A 41 12.38 -13.00 23.38
C SER A 41 13.34 -12.69 24.53
N ASP A 42 13.38 -11.43 24.97
CA ASP A 42 14.22 -11.07 26.12
C ASP A 42 13.64 -11.62 27.40
N VAL A 43 12.32 -11.49 27.56
CA VAL A 43 11.65 -12.02 28.76
C VAL A 43 11.82 -13.52 28.84
N HIS A 44 11.68 -14.21 27.70
CA HIS A 44 11.90 -15.64 27.68
C HIS A 44 13.36 -15.98 27.98
N GLY A 45 14.29 -15.17 27.49
CA GLY A 45 15.68 -15.36 27.85
C GLY A 45 15.91 -15.18 29.34
N PHE A 46 15.27 -14.19 29.94
CA PHE A 46 15.39 -13.96 31.37
C PHE A 46 14.82 -15.15 32.16
N GLU A 47 13.73 -15.74 31.67
CA GLU A 47 13.08 -16.82 32.40
C GLU A 47 13.79 -18.16 32.22
N SER A 48 14.35 -18.42 31.04
CA SER A 48 14.85 -19.75 30.72
C SER A 48 16.32 -19.79 30.34
N GLY A 49 16.97 -18.66 30.11
CA GLY A 49 18.26 -18.66 29.47
C GLY A 49 18.11 -18.96 27.99
N PRO A 50 19.15 -18.72 27.21
CA PRO A 50 19.05 -18.98 25.77
C PRO A 50 18.90 -20.46 25.48
N PHE A 51 18.18 -20.77 24.40
CA PHE A 51 17.90 -22.20 24.30
C PHE A 51 19.13 -22.99 23.89
N ILE A 52 20.17 -22.40 23.32
CA ILE A 52 21.47 -23.06 23.19
C ILE A 52 22.32 -22.63 24.39
N PRO A 53 22.70 -23.54 25.27
CA PRO A 53 23.57 -23.17 26.38
C PRO A 53 24.87 -22.57 25.87
N PRO A 54 25.42 -21.59 26.56
CA PRO A 54 26.73 -21.06 26.16
C PRO A 54 27.78 -22.15 26.18
N LYS A 55 28.59 -22.20 25.12
CA LYS A 55 29.70 -23.14 25.06
C LYS A 55 30.67 -22.95 26.22
N ASP A 56 30.65 -21.77 26.84
CA ASP A 56 31.57 -21.43 27.92
C ASP A 56 30.89 -21.64 29.27
N PRO A 57 31.48 -22.42 30.19
CA PRO A 57 30.85 -22.68 31.50
C PRO A 57 30.31 -21.45 32.22
N ASN A 58 31.09 -20.38 32.27
CA ASN A 58 30.63 -19.17 32.96
C ASN A 58 30.58 -17.98 32.02
N GLN A 59 30.03 -18.19 30.83
CA GLN A 59 29.84 -17.12 29.88
C GLN A 59 28.94 -16.03 30.46
N GLU A 60 29.29 -14.78 30.19
CA GLU A 60 28.47 -13.64 30.64
C GLU A 60 27.35 -13.45 29.63
N ILE A 61 26.13 -13.80 30.01
CA ILE A 61 25.00 -13.86 29.10
C ILE A 61 24.30 -12.51 29.09
N GLY A 62 24.49 -11.75 28.02
CA GLY A 62 23.79 -10.49 27.88
C GLY A 62 22.38 -10.65 27.37
N LEU A 63 21.60 -9.58 27.52
CA LEU A 63 20.21 -9.57 27.07
C LEU A 63 19.89 -8.22 26.45
N GLY A 64 18.91 -8.24 25.54
CA GLY A 64 18.50 -7.03 24.85
C GLY A 64 18.93 -6.99 23.41
N HIS A 65 18.00 -6.62 22.52
CA HIS A 65 18.33 -6.48 21.11
C HIS A 65 17.72 -5.26 20.44
N GLU A 66 16.65 -4.68 20.98
CA GLU A 66 16.09 -3.44 20.47
C GLU A 66 16.76 -2.28 21.21
N CYS A 67 17.48 -1.42 20.49
CA CYS A 67 18.16 -0.33 21.17
C CYS A 67 18.49 0.78 20.18
N ALA A 68 18.87 1.93 20.74
CA ALA A 68 19.27 3.11 20.00
C ALA A 68 20.11 3.98 20.91
N GLY A 69 20.81 4.93 20.31
CA GLY A 69 21.68 5.80 21.08
C GLY A 69 22.43 6.81 20.23
N THR A 70 23.58 7.26 20.72
CA THR A 70 24.37 8.30 20.07
C THR A 70 25.76 7.77 19.78
N VAL A 71 26.25 8.04 18.57
CA VAL A 71 27.58 7.61 18.17
C VAL A 71 28.62 8.36 19.00
N VAL A 72 29.53 7.60 19.59
CA VAL A 72 30.62 8.20 20.36
C VAL A 72 31.93 8.19 19.57
N ALA A 73 32.23 7.10 18.88
CA ALA A 73 33.40 7.02 18.01
C ALA A 73 33.04 6.17 16.80
N VAL A 74 33.88 6.23 15.77
CA VAL A 74 33.70 5.41 14.58
C VAL A 74 35.03 4.77 14.21
N GLY A 75 34.95 3.60 13.58
CA GLY A 75 36.13 2.97 13.02
C GLY A 75 36.69 3.77 11.85
N SER A 76 37.93 3.44 11.50
CA SER A 76 38.71 4.27 10.58
C SER A 76 38.16 4.31 9.16
N ARG A 77 37.25 3.39 8.79
CA ARG A 77 36.69 3.39 7.45
C ARG A 77 35.20 3.74 7.44
N VAL A 78 34.67 4.24 8.54
CA VAL A 78 33.27 4.62 8.63
C VAL A 78 33.12 6.06 8.14
N ARG A 79 32.27 6.25 7.13
CA ARG A 79 31.95 7.59 6.61
C ARG A 79 30.49 7.98 6.82
N LYS A 80 29.59 7.00 6.92
CA LYS A 80 28.17 7.31 7.06
C LYS A 80 27.86 8.03 8.36
N PHE A 81 28.67 7.83 9.40
CA PHE A 81 28.34 8.30 10.73
C PHE A 81 29.52 9.08 11.31
N LYS A 82 29.22 9.91 12.31
CA LYS A 82 30.20 10.73 12.99
C LYS A 82 29.81 10.81 14.46
N PRO A 83 30.75 11.18 15.33
CA PRO A 83 30.40 11.36 16.75
C PRO A 83 29.32 12.41 16.92
N GLY A 84 28.27 12.03 17.66
CA GLY A 84 27.14 12.90 17.91
C GLY A 84 25.89 12.53 17.15
N ASP A 85 25.99 11.65 16.17
CA ASP A 85 24.82 11.17 15.46
C ASP A 85 23.98 10.30 16.38
N ARG A 86 22.68 10.54 16.40
CA ARG A 86 21.74 9.65 17.07
C ARG A 86 21.29 8.59 16.08
N VAL A 87 21.41 7.33 16.48
CA VAL A 87 21.20 6.20 15.58
C VAL A 87 20.44 5.10 16.31
N ASN A 88 19.87 4.18 15.53
CA ASN A 88 19.48 2.88 16.05
C ASN A 88 20.28 1.82 15.30
N ILE A 89 20.12 0.57 15.74
CA ILE A 89 20.85 -0.53 15.12
C ILE A 89 19.85 -1.62 14.73
N GLU A 90 20.08 -2.21 13.57
CA GLU A 90 19.41 -3.45 13.19
C GLU A 90 20.20 -4.60 13.79
N PRO A 91 19.65 -5.36 14.74
CA PRO A 91 20.48 -6.25 15.57
C PRO A 91 20.88 -7.56 14.91
N GLY A 92 20.43 -7.84 13.69
CA GLY A 92 20.86 -9.05 13.01
C GLY A 92 21.81 -8.77 11.86
N VAL A 93 23.07 -9.16 12.03
CA VAL A 93 24.11 -8.92 11.03
C VAL A 93 24.35 -10.22 10.27
N PRO A 94 23.94 -10.33 9.01
CA PRO A 94 24.03 -11.59 8.29
C PRO A 94 25.43 -11.77 7.70
N CYS A 95 25.66 -12.96 7.13
CA CYS A 95 27.00 -13.29 6.65
C CYS A 95 27.34 -12.55 5.36
N GLY A 96 26.33 -12.23 4.53
CA GLY A 96 26.55 -11.47 3.31
C GLY A 96 26.98 -12.27 2.10
N HIS A 97 27.25 -13.58 2.23
CA HIS A 97 27.76 -14.36 1.11
C HIS A 97 27.03 -15.67 0.86
N CYS A 98 26.11 -16.09 1.72
CA CYS A 98 25.42 -17.34 1.50
C CYS A 98 24.30 -17.15 0.47
N ARG A 99 23.69 -18.28 0.07
CA ARG A 99 22.63 -18.24 -0.93
C ARG A 99 21.47 -17.36 -0.48
N TYR A 100 21.15 -17.33 0.82
CA TYR A 100 20.01 -16.54 1.26
C TYR A 100 20.31 -15.06 1.29
N CYS A 101 21.53 -14.69 1.74
CA CYS A 101 21.92 -13.29 1.70
C CYS A 101 21.95 -12.79 0.26
N LEU A 102 22.55 -13.57 -0.65
CA LEU A 102 22.66 -13.16 -2.03
C LEU A 102 21.32 -13.15 -2.76
N GLU A 103 20.30 -13.81 -2.22
CA GLU A 103 18.99 -13.89 -2.86
C GLU A 103 17.99 -12.88 -2.32
N GLY A 104 18.39 -12.05 -1.35
CA GLY A 104 17.50 -11.06 -0.78
C GLY A 104 16.80 -11.47 0.48
N LYS A 105 17.22 -12.57 1.10
CA LYS A 105 16.60 -13.08 2.33
C LYS A 105 17.63 -13.19 3.45
N TYR A 106 18.46 -12.16 3.62
CA TYR A 106 19.51 -12.26 4.64
C TYR A 106 18.96 -12.54 6.03
N ASN A 107 17.67 -12.26 6.27
CA ASN A 107 17.11 -12.50 7.60
C ASN A 107 17.14 -13.97 7.97
N ILE A 108 17.07 -14.87 6.99
CA ILE A 108 17.13 -16.30 7.27
C ILE A 108 18.53 -16.85 7.07
N CYS A 109 19.55 -15.99 7.02
CA CYS A 109 20.93 -16.41 6.89
C CYS A 109 21.28 -17.38 8.03
N PRO A 110 21.85 -18.56 7.72
CA PRO A 110 22.18 -19.51 8.79
C PRO A 110 23.31 -19.05 9.70
N ASP A 111 24.07 -18.03 9.32
CA ASP A 111 25.15 -17.51 10.13
C ASP A 111 24.90 -16.06 10.54
N VAL A 112 23.63 -15.68 10.75
CA VAL A 112 23.34 -14.34 11.24
C VAL A 112 23.86 -14.18 12.66
N ASP A 113 24.44 -13.03 12.94
CA ASP A 113 24.87 -12.71 14.29
C ASP A 113 23.83 -11.73 14.84
N PHE A 114 22.96 -12.27 15.69
CA PHE A 114 21.85 -11.53 16.27
C PHE A 114 22.16 -11.24 17.73
N MET A 115 21.87 -10.01 18.15
CA MET A 115 22.19 -9.57 19.51
C MET A 115 21.57 -10.50 20.54
N ALA A 116 22.31 -10.72 21.63
CA ALA A 116 21.83 -11.44 22.81
C ALA A 116 21.47 -12.89 22.50
N THR A 117 22.15 -13.43 21.49
CA THR A 117 22.01 -14.84 21.04
C THR A 117 23.24 -15.70 20.93
N GLN A 118 23.01 -16.84 20.34
CA GLN A 118 23.86 -18.04 20.33
C GLN A 118 25.40 -18.05 20.39
N PRO A 119 26.04 -17.39 19.40
CA PRO A 119 27.48 -17.58 19.59
C PRO A 119 28.09 -16.63 20.61
N ASN A 120 27.57 -15.40 20.66
CA ASN A 120 28.27 -14.36 21.39
C ASN A 120 27.49 -13.82 22.58
N TYR A 121 26.15 -13.86 22.57
CA TYR A 121 25.34 -13.43 23.70
C TYR A 121 25.61 -11.99 24.11
N ARG A 122 25.96 -11.13 23.14
CA ARG A 122 26.15 -9.72 23.39
C ARG A 122 24.80 -9.05 23.59
N GLY A 123 24.57 -8.48 24.76
CA GLY A 123 23.31 -7.82 25.06
C GLY A 123 23.35 -6.32 24.78
N ALA A 124 22.19 -5.78 24.41
CA ALA A 124 22.07 -4.34 24.25
C ALA A 124 22.05 -3.60 25.59
N LEU A 125 21.76 -4.32 26.68
CA LEU A 125 21.76 -3.74 28.02
C LEU A 125 23.20 -3.51 28.46
N THR A 126 23.75 -2.38 28.01
CA THR A 126 25.10 -1.96 28.36
C THR A 126 25.20 -0.48 28.02
N HIS A 127 26.21 0.18 28.60
CA HIS A 127 26.37 1.61 28.33
C HIS A 127 26.98 1.86 26.95
N TYR A 128 27.84 0.96 26.48
CA TYR A 128 28.58 1.16 25.24
C TYR A 128 28.61 -0.16 24.47
N LEU A 129 28.35 -0.07 23.17
CA LEU A 129 28.47 -1.24 22.30
C LEU A 129 28.92 -0.80 20.91
N CYS A 130 29.43 -1.76 20.15
CA CYS A 130 29.88 -1.53 18.79
C CYS A 130 28.97 -2.28 17.82
N HIS A 131 28.73 -1.67 16.65
CA HIS A 131 27.87 -2.28 15.66
C HIS A 131 28.39 -1.92 14.28
N PRO A 132 28.27 -2.82 13.30
CA PRO A 132 28.69 -2.49 11.93
C PRO A 132 27.88 -1.30 11.40
N GLU A 133 28.60 -0.39 10.74
CA GLU A 133 27.96 0.77 10.13
C GLU A 133 26.86 0.35 9.16
N SER A 134 27.00 -0.82 8.53
CA SER A 134 26.04 -1.25 7.52
C SER A 134 24.67 -1.58 8.11
N PHE A 135 24.58 -1.85 9.41
CA PHE A 135 23.30 -2.14 10.04
C PHE A 135 23.02 -1.16 11.17
N THR A 136 23.48 0.07 10.98
CA THR A 136 23.15 1.19 11.84
C THR A 136 22.46 2.24 10.98
N TYR A 137 21.52 2.96 11.60
CA TYR A 137 20.68 3.89 10.86
C TYR A 137 20.51 5.18 11.64
N LYS A 138 20.76 6.31 10.98
CA LYS A 138 20.61 7.59 11.65
C LYS A 138 19.12 7.89 11.86
N LEU A 139 18.81 8.41 13.02
CA LEU A 139 17.43 8.78 13.29
C LEU A 139 17.14 10.17 12.75
N PRO A 140 15.97 10.39 12.16
CA PRO A 140 15.56 11.76 11.82
C PRO A 140 15.57 12.64 13.06
N ASP A 141 15.72 13.95 12.82
CA ASP A 141 15.79 14.88 13.93
C ASP A 141 14.55 14.84 14.81
N ASN A 142 13.38 14.55 14.23
CA ASN A 142 12.12 14.52 14.96
C ASN A 142 11.82 13.16 15.58
N MET A 143 12.81 12.27 15.63
CA MET A 143 12.65 10.93 16.20
C MET A 143 13.68 10.73 17.30
N ASP A 144 13.21 10.56 18.55
CA ASP A 144 14.13 10.44 19.65
C ASP A 144 14.64 8.99 19.75
N THR A 145 15.57 8.77 20.68
CA THR A 145 16.22 7.46 20.74
C THR A 145 15.29 6.39 21.32
N MET A 146 14.26 6.78 22.07
CA MET A 146 13.27 5.77 22.48
C MET A 146 12.44 5.30 21.30
N GLU A 147 12.04 6.22 20.41
CA GLU A 147 11.38 5.82 19.18
C GLU A 147 12.31 5.00 18.30
N GLY A 148 13.58 5.41 18.22
CA GLY A 148 14.54 4.63 17.45
C GLY A 148 14.67 3.20 17.95
N THR A 149 14.56 3.02 19.27
CA THR A 149 14.59 1.68 19.83
C THR A 149 13.40 0.86 19.34
N LEU A 150 12.23 1.48 19.24
CA LEU A 150 11.05 0.71 18.86
C LEU A 150 10.92 0.50 17.35
N VAL A 151 11.88 0.99 16.56
CA VAL A 151 11.89 0.64 15.15
C VAL A 151 12.00 -0.87 14.96
N GLU A 152 12.75 -1.53 15.86
CA GLU A 152 12.97 -2.97 15.70
C GLU A 152 11.67 -3.77 15.73
N PRO A 153 10.83 -3.69 16.78
CA PRO A 153 9.57 -4.42 16.71
C PRO A 153 8.63 -3.88 15.65
N ALA A 154 8.66 -2.58 15.36
CA ALA A 154 7.87 -2.05 14.26
C ALA A 154 8.31 -2.67 12.94
N ALA A 155 9.62 -2.89 12.77
CA ALA A 155 10.13 -3.54 11.58
C ALA A 155 9.62 -4.97 11.45
N VAL A 156 9.43 -5.65 12.58
CA VAL A 156 8.84 -6.99 12.56
C VAL A 156 7.45 -6.96 11.93
N GLY A 157 6.62 -6.02 12.37
CA GLY A 157 5.28 -5.91 11.80
C GLY A 157 5.31 -5.42 10.37
N MET A 158 6.25 -4.53 10.05
CA MET A 158 6.37 -4.03 8.68
C MET A 158 6.73 -5.16 7.73
N HIS A 159 7.66 -6.03 8.14
CA HIS A 159 8.07 -7.15 7.31
C HIS A 159 6.92 -8.13 7.07
N ALA A 160 6.12 -8.36 8.11
CA ALA A 160 4.96 -9.25 7.96
C ALA A 160 3.97 -8.69 6.94
N ALA A 161 3.61 -7.41 7.07
CA ALA A 161 2.66 -6.80 6.15
C ALA A 161 3.20 -6.79 4.73
N MET A 162 4.49 -6.51 4.57
CA MET A 162 5.08 -6.47 3.24
C MET A 162 5.13 -7.88 2.63
N LEU A 163 5.55 -8.87 3.42
CA LEU A 163 5.54 -10.25 2.96
C LEU A 163 4.15 -10.68 2.55
N ALA A 164 3.13 -10.23 3.28
CA ALA A 164 1.76 -10.61 3.01
C ALA A 164 1.15 -9.88 1.82
N ASP A 165 1.86 -8.88 1.27
CA ASP A 165 1.34 -8.06 0.17
C ASP A 165 0.03 -7.37 0.57
N VAL A 166 0.03 -6.76 1.75
CA VAL A 166 -1.13 -5.98 2.19
C VAL A 166 -1.36 -4.85 1.20
N LYS A 167 -2.62 -4.63 0.86
CA LYS A 167 -3.01 -3.65 -0.14
CA LYS A 167 -3.01 -3.65 -0.14
C LYS A 167 -4.42 -3.18 0.18
N PRO A 168 -4.82 -2.02 -0.33
CA PRO A 168 -6.24 -1.64 -0.23
C PRO A 168 -7.08 -2.73 -0.86
N GLY A 169 -8.27 -2.96 -0.29
CA GLY A 169 -9.16 -3.99 -0.78
C GLY A 169 -8.94 -5.37 -0.18
N LYS A 170 -7.95 -5.53 0.69
CA LYS A 170 -7.72 -6.79 1.38
C LYS A 170 -8.21 -6.66 2.81
N LYS A 171 -9.16 -7.51 3.18
CA LYS A 171 -9.68 -7.51 4.54
C LYS A 171 -8.73 -8.29 5.42
N ILE A 172 -8.39 -7.74 6.58
CA ILE A 172 -7.30 -8.26 7.41
C ILE A 172 -7.83 -8.56 8.81
N ILE A 173 -7.42 -9.71 9.35
CA ILE A 173 -7.67 -10.08 10.73
C ILE A 173 -6.32 -10.27 11.40
N ILE A 174 -6.10 -9.57 12.51
CA ILE A 174 -4.88 -9.70 13.29
C ILE A 174 -5.25 -10.38 14.61
N LEU A 175 -4.71 -11.57 14.84
CA LEU A 175 -4.93 -12.31 16.08
C LEU A 175 -3.83 -11.90 17.05
N GLY A 176 -4.18 -11.10 18.05
CA GLY A 176 -3.21 -10.63 19.02
C GLY A 176 -3.01 -9.13 18.94
N ALA A 177 -3.19 -8.46 20.07
CA ALA A 177 -2.99 -7.02 20.17
C ALA A 177 -1.90 -6.69 21.19
N GLY A 178 -0.96 -7.61 21.37
CA GLY A 178 0.28 -7.28 22.05
C GLY A 178 1.15 -6.42 21.14
N CYS A 179 2.40 -6.25 21.56
CA CYS A 179 3.31 -5.35 20.85
C CYS A 179 3.36 -5.68 19.35
N ILE A 180 3.64 -6.94 19.01
CA ILE A 180 3.81 -7.30 17.60
C ILE A 180 2.50 -7.20 16.83
N GLY A 181 1.37 -7.49 17.48
CA GLY A 181 0.09 -7.33 16.81
C GLY A 181 -0.24 -5.88 16.51
N LEU A 182 0.11 -4.98 17.43
CA LEU A 182 -0.10 -3.56 17.21
C LEU A 182 0.85 -3.01 16.16
N MET A 183 2.10 -3.49 16.14
CA MET A 183 3.03 -3.14 15.07
C MET A 183 2.50 -3.60 13.72
N THR A 184 1.98 -4.84 13.66
CA THR A 184 1.43 -5.35 12.40
C THR A 184 0.23 -4.54 11.95
N LEU A 185 -0.64 -4.16 12.90
CA LEU A 185 -1.78 -3.31 12.60
C LEU A 185 -1.34 -2.00 11.93
N GLN A 186 -0.39 -1.30 12.54
CA GLN A 186 0.06 -0.03 11.97
C GLN A 186 0.76 -0.26 10.63
N ALA A 187 1.48 -1.37 10.48
CA ALA A 187 2.08 -1.67 9.18
C ALA A 187 1.00 -1.90 8.13
N CYS A 188 -0.05 -2.65 8.47
CA CYS A 188 -1.14 -2.86 7.53
C CYS A 188 -1.79 -1.53 7.13
N LYS A 189 -1.93 -0.61 8.08
CA LYS A 189 -2.47 0.71 7.75
C LYS A 189 -1.55 1.46 6.79
N CYS A 190 -0.24 1.40 7.02
CA CYS A 190 0.70 2.09 6.15
C CYS A 190 0.68 1.53 4.74
N LEU A 191 0.34 0.25 4.58
CA LEU A 191 0.23 -0.36 3.26
C LEU A 191 -1.15 -0.20 2.65
N GLY A 192 -2.03 0.58 3.28
CA GLY A 192 -3.28 0.99 2.65
C GLY A 192 -4.50 0.15 2.96
N ALA A 193 -4.36 -0.89 3.79
CA ALA A 193 -5.55 -1.67 4.15
C ALA A 193 -6.51 -0.80 4.95
N THR A 194 -7.81 -0.95 4.67
CA THR A 194 -8.84 -0.14 5.28
C THR A 194 -9.78 -0.91 6.20
N GLU A 195 -9.77 -2.25 6.13
CA GLU A 195 -10.65 -3.08 6.96
C GLU A 195 -9.76 -4.04 7.73
N ILE A 196 -9.54 -3.75 9.01
CA ILE A 196 -8.64 -4.51 9.86
C ILE A 196 -9.36 -4.84 11.16
N ALA A 197 -9.57 -6.12 11.40
CA ALA A 197 -10.12 -6.59 12.67
C ALA A 197 -8.99 -7.09 13.55
N VAL A 198 -9.02 -6.75 14.83
CA VAL A 198 -7.98 -7.14 15.78
C VAL A 198 -8.65 -7.89 16.93
N VAL A 199 -8.11 -9.05 17.26
CA VAL A 199 -8.68 -9.96 18.26
C VAL A 199 -7.68 -10.11 19.39
N ASP A 200 -8.15 -9.94 20.63
CA ASP A 200 -7.35 -10.26 21.80
C ASP A 200 -8.31 -10.60 22.94
N VAL A 201 -7.78 -10.71 24.16
CA VAL A 201 -8.57 -11.06 25.32
C VAL A 201 -8.46 -10.03 26.43
N LEU A 202 -7.67 -8.98 26.25
CA LEU A 202 -7.47 -7.95 27.28
C LEU A 202 -8.01 -6.63 26.76
N GLU A 203 -8.93 -6.02 27.53
CA GLU A 203 -9.59 -4.82 27.05
CA GLU A 203 -9.59 -4.81 27.06
C GLU A 203 -8.61 -3.67 26.87
N LYS A 204 -7.53 -3.63 27.66
CA LYS A 204 -6.55 -2.56 27.51
C LYS A 204 -5.82 -2.66 26.17
N ARG A 205 -5.54 -3.87 25.71
CA ARG A 205 -4.89 -4.03 24.41
C ARG A 205 -5.85 -3.69 23.27
N LEU A 206 -7.13 -4.06 23.42
CA LEU A 206 -8.10 -3.72 22.39
C LEU A 206 -8.38 -2.22 22.36
N ALA A 207 -8.33 -1.56 23.52
CA ALA A 207 -8.41 -0.10 23.52
C ALA A 207 -7.25 0.50 22.73
N MET A 208 -6.06 -0.07 22.87
CA MET A 208 -4.92 0.45 22.13
C MET A 208 -5.01 0.11 20.65
N ALA A 209 -5.56 -1.07 20.32
CA ALA A 209 -5.77 -1.41 18.92
C ALA A 209 -6.68 -0.42 18.24
N GLU A 210 -7.78 -0.06 18.90
CA GLU A 210 -8.71 0.92 18.36
C GLU A 210 -8.06 2.29 18.24
N GLN A 211 -7.24 2.67 19.23
CA GLN A 211 -6.52 3.94 19.13
C GLN A 211 -5.55 3.94 17.96
N LEU A 212 -4.88 2.82 17.72
CA LEU A 212 -3.91 2.72 16.64
C LEU A 212 -4.52 2.41 15.28
N GLY A 213 -5.85 2.34 15.18
CA GLY A 213 -6.50 2.32 13.89
C GLY A 213 -7.22 1.05 13.49
N ALA A 214 -7.43 0.11 14.41
CA ALA A 214 -8.19 -1.09 14.08
C ALA A 214 -9.60 -0.70 13.66
N THR A 215 -10.08 -1.29 12.55
CA THR A 215 -11.45 -1.05 12.11
C THR A 215 -12.46 -1.61 13.11
N VAL A 216 -12.25 -2.85 13.53
CA VAL A 216 -13.11 -3.53 14.50
C VAL A 216 -12.20 -4.22 15.50
N VAL A 217 -12.60 -4.25 16.76
CA VAL A 217 -11.88 -4.97 17.80
C VAL A 217 -12.80 -6.03 18.40
N ILE A 218 -12.25 -7.20 18.68
CA ILE A 218 -13.04 -8.36 19.07
C ILE A 218 -12.39 -8.98 20.30
N ASN A 219 -13.15 -9.09 21.38
CA ASN A 219 -12.66 -9.71 22.61
C ASN A 219 -13.06 -11.19 22.59
N GLY A 220 -12.09 -12.04 22.29
CA GLY A 220 -12.31 -13.47 22.19
C GLY A 220 -12.73 -14.14 23.48
N ALA A 221 -12.55 -13.47 24.62
CA ALA A 221 -13.02 -14.02 25.89
C ALA A 221 -14.49 -13.70 26.13
N LYS A 222 -14.96 -12.55 25.63
CA LYS A 222 -16.34 -12.13 25.81
C LYS A 222 -17.19 -12.32 24.56
N GLU A 223 -16.58 -12.66 23.43
CA GLU A 223 -17.29 -12.82 22.16
C GLU A 223 -16.85 -14.11 21.48
N ASP A 224 -17.68 -14.57 20.55
CA ASP A 224 -17.34 -15.69 19.67
C ASP A 224 -16.46 -15.14 18.56
N THR A 225 -15.15 -15.43 18.64
CA THR A 225 -14.21 -14.87 17.66
C THR A 225 -14.55 -15.29 16.23
N ILE A 226 -14.86 -16.57 16.02
CA ILE A 226 -15.11 -17.03 14.68
C ILE A 226 -16.38 -16.40 14.12
N ALA A 227 -17.44 -16.34 14.92
CA ALA A 227 -18.68 -15.72 14.49
C ALA A 227 -18.48 -14.23 14.19
N ARG A 228 -17.80 -13.52 15.08
CA ARG A 228 -17.56 -12.09 14.87
C ARG A 228 -16.73 -11.84 13.63
N CYS A 229 -15.73 -12.69 13.38
CA CYS A 229 -14.91 -12.54 12.18
C CYS A 229 -15.70 -12.87 10.91
N GLN A 230 -16.55 -13.89 10.98
CA GLN A 230 -17.39 -14.21 9.82
C GLN A 230 -18.35 -13.08 9.50
N GLN A 231 -18.89 -12.43 10.52
CA GLN A 231 -19.67 -11.21 10.29
C GLN A 231 -18.80 -10.14 9.65
N PHE A 232 -17.61 -9.93 10.21
CA PHE A 232 -16.69 -8.91 9.70
C PHE A 232 -16.38 -9.12 8.22
N THR A 233 -16.21 -10.38 7.80
CA THR A 233 -15.86 -10.71 6.43
C THR A 233 -17.05 -11.18 5.59
N GLU A 234 -18.27 -10.99 6.09
CA GLU A 234 -19.47 -11.37 5.37
C GLU A 234 -19.46 -12.84 4.98
N ASP A 235 -19.01 -13.69 5.90
CA ASP A 235 -18.94 -15.13 5.73
C ASP A 235 -17.98 -15.56 4.62
N MET A 236 -17.14 -14.65 4.15
CA MET A 236 -16.19 -15.03 3.12
C MET A 236 -14.81 -15.33 3.67
N GLY A 237 -14.50 -14.94 4.90
CA GLY A 237 -13.15 -15.05 5.40
C GLY A 237 -12.30 -13.85 5.02
N ALA A 238 -11.20 -13.67 5.74
CA ALA A 238 -10.31 -12.55 5.49
C ALA A 238 -9.28 -12.88 4.42
N ASP A 239 -8.88 -11.86 3.66
CA ASP A 239 -7.79 -12.03 2.69
C ASP A 239 -6.50 -12.47 3.37
N ILE A 240 -6.19 -11.88 4.52
CA ILE A 240 -4.95 -12.17 5.24
C ILE A 240 -5.29 -12.29 6.72
N VAL A 241 -4.81 -13.35 7.36
CA VAL A 241 -4.91 -13.49 8.81
C VAL A 241 -3.49 -13.49 9.35
N PHE A 242 -3.19 -12.56 10.25
CA PHE A 242 -1.92 -12.52 10.95
C PHE A 242 -2.10 -13.17 12.31
N GLU A 243 -1.24 -14.12 12.63
CA GLU A 243 -1.15 -14.69 13.97
C GLU A 243 0.08 -14.10 14.63
N THR A 244 -0.13 -13.35 15.73
CA THR A 244 0.93 -12.56 16.34
C THR A 244 1.13 -12.83 17.82
N ALA A 245 0.21 -13.53 18.49
CA ALA A 245 0.36 -13.79 19.92
C ALA A 245 1.24 -14.99 20.22
N GLY A 246 1.48 -15.86 19.24
CA GLY A 246 2.24 -17.06 19.48
C GLY A 246 1.55 -18.08 20.35
N SER A 247 0.21 -18.04 20.42
CA SER A 247 -0.55 -18.95 21.25
C SER A 247 -1.14 -20.07 20.39
N ALA A 248 -1.50 -21.17 21.06
CA ALA A 248 -2.08 -22.30 20.35
C ALA A 248 -3.50 -22.01 19.90
N VAL A 249 -4.26 -21.26 20.71
CA VAL A 249 -5.63 -20.91 20.35
C VAL A 249 -5.67 -20.24 18.99
N THR A 250 -4.79 -19.26 18.78
CA THR A 250 -4.87 -18.41 17.61
C THR A 250 -4.44 -19.14 16.35
N VAL A 251 -3.31 -19.85 16.41
CA VAL A 251 -2.80 -20.56 15.24
C VAL A 251 -3.84 -21.56 14.73
N LYS A 252 -4.39 -22.36 15.64
CA LYS A 252 -5.43 -23.32 15.28
C LYS A 252 -6.70 -22.63 14.79
N GLN A 253 -6.93 -21.39 15.22
CA GLN A 253 -8.11 -20.64 14.81
C GLN A 253 -8.00 -20.12 13.38
N ALA A 254 -6.80 -19.73 12.96
CA ALA A 254 -6.65 -19.03 11.68
C ALA A 254 -7.23 -19.79 10.49
N PRO A 255 -7.14 -21.13 10.38
CA PRO A 255 -7.80 -21.81 9.25
C PRO A 255 -9.27 -21.45 9.09
N TYR A 256 -9.98 -21.25 10.20
CA TYR A 256 -11.41 -20.95 10.15
C TYR A 256 -11.71 -19.50 9.81
N LEU A 257 -10.68 -18.65 9.70
CA LEU A 257 -10.87 -17.22 9.54
C LEU A 257 -10.46 -16.69 8.17
N VAL A 258 -9.72 -17.46 7.37
CA VAL A 258 -9.13 -17.01 6.12
C VAL A 258 -10.03 -17.43 4.97
N MET A 259 -10.05 -16.61 3.92
CA MET A 259 -10.80 -16.94 2.72
C MET A 259 -10.02 -17.91 1.84
N ARG A 260 -10.74 -18.59 0.95
CA ARG A 260 -10.08 -19.41 -0.04
C ARG A 260 -9.09 -18.58 -0.85
N GLY A 261 -7.95 -19.16 -1.17
CA GLY A 261 -6.90 -18.43 -1.84
C GLY A 261 -6.19 -17.38 -1.01
N GLY A 262 -6.54 -17.26 0.28
CA GLY A 262 -5.95 -16.24 1.14
C GLY A 262 -4.65 -16.67 1.77
N LYS A 263 -4.21 -15.86 2.74
CA LYS A 263 -2.92 -16.08 3.39
C LYS A 263 -3.07 -16.07 4.91
N ILE A 264 -2.39 -17.02 5.56
CA ILE A 264 -2.15 -16.98 7.00
C ILE A 264 -0.67 -16.68 7.22
N MET A 265 -0.39 -15.63 7.99
CA MET A 265 0.98 -15.26 8.33
C MET A 265 1.21 -15.54 9.81
N ILE A 266 2.24 -16.31 10.11
CA ILE A 266 2.62 -16.61 11.48
C ILE A 266 3.80 -15.72 11.82
N VAL A 267 3.53 -14.67 12.59
CA VAL A 267 4.53 -13.65 12.89
C VAL A 267 5.27 -14.11 14.14
N GLY A 268 6.31 -14.93 13.92
CA GLY A 268 7.19 -15.38 14.97
C GLY A 268 6.66 -16.56 15.76
N THR A 269 7.57 -17.14 16.56
CA THR A 269 7.25 -17.98 17.71
C THR A 269 6.54 -19.30 17.41
N VAL A 270 5.43 -19.55 18.11
CA VAL A 270 4.71 -20.83 18.15
C VAL A 270 5.62 -21.91 18.72
N PRO A 271 5.81 -21.95 20.05
CA PRO A 271 6.82 -22.86 20.62
C PRO A 271 6.41 -24.33 20.59
N GLY A 272 5.12 -24.64 20.60
CA GLY A 272 4.64 -26.00 20.53
C GLY A 272 4.04 -26.31 19.17
N ALA A 273 3.69 -27.58 18.98
CA ALA A 273 3.00 -28.00 17.77
C ALA A 273 1.54 -27.57 17.81
N SER A 274 0.96 -27.38 16.64
CA SER A 274 -0.43 -26.97 16.53
C SER A 274 -1.11 -27.79 15.45
N ALA A 275 -2.27 -28.37 15.78
CA ALA A 275 -3.02 -29.19 14.83
C ALA A 275 -3.76 -28.29 13.84
N ILE A 276 -3.43 -28.42 12.56
CA ILE A 276 -4.00 -27.59 11.51
C ILE A 276 -5.05 -28.40 10.76
N ASN A 277 -6.22 -27.80 10.55
CA ASN A 277 -7.29 -28.43 9.77
C ASN A 277 -7.13 -27.98 8.33
N PHE A 278 -6.37 -28.76 7.55
CA PHE A 278 -6.11 -28.40 6.16
C PHE A 278 -7.35 -28.51 5.29
N LEU A 279 -8.31 -29.35 5.68
CA LEU A 279 -9.56 -29.44 4.93
C LEU A 279 -10.24 -28.07 4.84
N LYS A 280 -10.20 -27.30 5.92
CA LYS A 280 -10.84 -25.99 5.93
C LYS A 280 -10.12 -24.98 5.02
N ILE A 281 -8.86 -25.25 4.67
CA ILE A 281 -8.11 -24.31 3.83
C ILE A 281 -7.60 -25.04 2.60
N ASN A 282 -8.38 -26.00 2.09
CA ASN A 282 -7.93 -26.83 0.99
C ASN A 282 -7.92 -26.10 -0.36
N ARG A 283 -8.49 -24.90 -0.43
CA ARG A 283 -8.58 -24.19 -1.71
C ARG A 283 -7.49 -23.13 -1.84
N GLU A 284 -6.25 -23.63 -1.82
CA GLU A 284 -5.05 -22.87 -2.17
C GLU A 284 -4.74 -21.74 -1.19
N VAL A 285 -5.05 -21.98 0.08
CA VAL A 285 -4.60 -21.09 1.15
C VAL A 285 -3.10 -21.30 1.38
N THR A 286 -2.41 -20.22 1.73
CA THR A 286 -0.99 -20.22 2.02
C THR A 286 -0.76 -19.87 3.48
N ILE A 287 0.05 -20.68 4.17
CA ILE A 287 0.52 -20.39 5.51
C ILE A 287 2.01 -20.09 5.41
N GLN A 288 2.42 -18.90 5.83
CA GLN A 288 3.84 -18.54 5.78
C GLN A 288 4.28 -18.04 7.14
N THR A 289 5.40 -18.57 7.64
CA THR A 289 6.02 -18.03 8.82
C THR A 289 6.80 -16.78 8.45
N VAL A 290 6.91 -15.86 9.42
CA VAL A 290 7.56 -14.57 9.21
C VAL A 290 8.65 -14.44 10.25
N PHE A 291 9.87 -14.15 9.82
CA PHE A 291 11.05 -14.21 10.68
C PHE A 291 11.77 -12.86 10.66
N ARG A 292 11.66 -12.11 11.76
CA ARG A 292 12.35 -10.83 11.93
C ARG A 292 12.08 -9.89 10.77
N TYR A 293 13.10 -9.53 10.01
CA TYR A 293 12.95 -8.48 9.01
C TYR A 293 14.14 -8.55 8.05
N ALA A 294 13.91 -8.09 6.83
CA ALA A 294 14.97 -7.88 5.87
C ALA A 294 14.67 -6.61 5.09
N ASN A 295 15.62 -5.67 5.08
CA ASN A 295 15.53 -4.42 4.32
C ASN A 295 14.31 -3.58 4.69
N ARG A 296 13.92 -3.61 5.97
CA ARG A 296 12.73 -2.89 6.43
C ARG A 296 13.03 -1.66 7.27
N TYR A 297 14.27 -1.48 7.73
CA TYR A 297 14.54 -0.38 8.66
C TYR A 297 14.27 0.97 8.03
N PRO A 298 14.76 1.29 6.82
CA PRO A 298 14.50 2.65 6.30
C PRO A 298 13.02 2.96 6.15
N VAL A 299 12.24 2.06 5.56
CA VAL A 299 10.81 2.35 5.35
C VAL A 299 10.08 2.43 6.69
N THR A 300 10.54 1.70 7.71
CA THR A 300 9.90 1.76 9.02
C THR A 300 10.24 3.06 9.72
N ILE A 301 11.52 3.45 9.68
CA ILE A 301 11.92 4.76 10.20
C ILE A 301 11.13 5.87 9.51
N GLU A 302 11.01 5.79 8.18
CA GLU A 302 10.18 6.74 7.43
C GLU A 302 8.77 6.81 8.01
N ALA A 303 8.16 5.64 8.20
CA ALA A 303 6.76 5.59 8.63
C ALA A 303 6.59 6.21 10.01
N ILE A 304 7.51 5.94 10.93
CA ILE A 304 7.41 6.50 12.28
C ILE A 304 7.68 7.99 12.24
N SER A 305 8.72 8.42 11.51
CA SER A 305 9.06 9.84 11.46
C SER A 305 7.92 10.68 10.92
N SER A 306 7.17 10.15 9.94
CA SER A 306 6.07 10.89 9.33
C SER A 306 4.90 11.08 10.30
N GLY A 307 4.86 10.33 11.40
CA GLY A 307 3.72 10.33 12.29
C GLY A 307 2.65 9.32 11.94
N ARG A 308 2.74 8.70 10.77
CA ARG A 308 1.72 7.72 10.37
C ARG A 308 1.79 6.47 11.24
N PHE A 309 2.99 6.11 11.70
CA PHE A 309 3.22 4.93 12.52
C PHE A 309 3.61 5.44 13.91
N ASP A 310 2.77 5.17 14.91
CA ASP A 310 2.93 5.71 16.26
C ASP A 310 3.49 4.61 17.18
N VAL A 311 4.78 4.73 17.53
CA VAL A 311 5.40 3.81 18.48
C VAL A 311 5.52 4.41 19.88
N LYS A 312 5.52 5.75 20.01
CA LYS A 312 5.65 6.37 21.31
C LYS A 312 4.45 6.07 22.19
N SER A 313 3.25 6.09 21.62
CA SER A 313 2.04 5.81 22.39
C SER A 313 2.00 4.39 22.91
N MET A 314 2.83 3.49 22.39
CA MET A 314 2.78 2.11 22.84
C MET A 314 3.55 1.87 24.14
N VAL A 315 4.51 2.75 24.45
CA VAL A 315 5.33 2.58 25.64
C VAL A 315 4.47 2.83 26.88
N THR A 316 4.24 1.79 27.67
CA THR A 316 3.45 1.90 28.88
C THR A 316 4.31 1.95 30.14
N HIS A 317 5.58 1.56 30.06
CA HIS A 317 6.46 1.52 31.23
C HIS A 317 7.89 1.81 30.80
N ILE A 318 8.56 2.68 31.56
CA ILE A 318 9.97 3.00 31.35
C ILE A 318 10.68 2.70 32.65
N TYR A 319 11.69 1.84 32.60
CA TYR A 319 12.49 1.42 33.74
C TYR A 319 13.88 2.04 33.66
N ASP A 320 14.44 2.46 34.80
CA ASP A 320 15.85 2.83 34.84
C ASP A 320 16.72 1.59 34.70
N TYR A 321 17.91 1.79 34.13
CA TYR A 321 18.82 0.69 33.87
C TYR A 321 19.24 -0.02 35.17
N ARG A 322 19.53 0.73 36.22
CA ARG A 322 19.94 0.04 37.43
C ARG A 322 18.79 -0.74 38.06
N ASP A 323 17.54 -0.48 37.68
CA ASP A 323 16.39 -1.26 38.11
C ASP A 323 16.06 -2.40 37.15
N VAL A 324 17.06 -2.97 36.47
CA VAL A 324 16.74 -3.91 35.40
C VAL A 324 16.08 -5.16 35.95
N GLN A 325 16.37 -5.55 37.19
CA GLN A 325 15.77 -6.75 37.77
C GLN A 325 14.26 -6.63 37.86
N GLN A 326 13.78 -5.54 38.46
CA GLN A 326 12.34 -5.29 38.52
C GLN A 326 11.73 -5.22 37.12
N ALA A 327 12.43 -4.58 36.19
CA ALA A 327 11.96 -4.49 34.81
C ALA A 327 11.61 -5.88 34.25
N PHE A 328 12.45 -6.88 34.54
CA PHE A 328 12.19 -8.20 34.00
C PHE A 328 11.19 -8.98 34.85
N GLU A 329 11.20 -8.78 36.16
CA GLU A 329 10.18 -9.39 37.01
C GLU A 329 8.79 -8.91 36.62
N GLU A 330 8.62 -7.58 36.52
CA GLU A 330 7.31 -7.04 36.16
C GLU A 330 6.90 -7.44 34.75
N SER A 331 7.86 -7.57 33.83
CA SER A 331 7.56 -8.04 32.50
C SER A 331 7.05 -9.48 32.51
N VAL A 332 7.31 -10.22 33.57
CA VAL A 332 6.71 -11.54 33.75
C VAL A 332 5.45 -11.48 34.58
N ASN A 333 5.51 -10.77 35.72
CA ASN A 333 4.39 -10.77 36.66
C ASN A 333 3.21 -9.97 36.13
N ASN A 334 3.45 -8.74 35.68
CA ASN A 334 2.37 -7.89 35.20
C ASN A 334 2.38 -7.80 33.68
N LYS A 335 2.47 -8.96 33.02
CA LYS A 335 2.28 -9.02 31.59
C LYS A 335 0.91 -8.51 31.17
N ARG A 336 -0.06 -8.52 32.10
CA ARG A 336 -1.43 -8.10 31.80
C ARG A 336 -1.53 -6.63 31.45
N ASP A 337 -0.64 -5.80 31.99
CA ASP A 337 -0.79 -4.35 31.90
C ASP A 337 0.30 -3.68 31.07
N ILE A 338 1.18 -4.45 30.43
CA ILE A 338 2.29 -3.90 29.67
C ILE A 338 2.02 -4.09 28.18
N ILE A 339 1.94 -2.98 27.45
CA ILE A 339 1.99 -3.05 25.99
C ILE A 339 3.44 -3.13 25.52
N LYS A 340 4.25 -2.17 25.95
CA LYS A 340 5.67 -2.19 25.64
C LYS A 340 6.43 -1.50 26.78
N GLY A 341 7.39 -2.22 27.36
CA GLY A 341 8.28 -1.64 28.34
C GLY A 341 9.63 -1.39 27.70
N VAL A 342 10.30 -0.33 28.17
CA VAL A 342 11.66 -0.02 27.74
C VAL A 342 12.50 0.26 28.98
N ILE A 343 13.81 0.15 28.81
CA ILE A 343 14.77 0.41 29.86
C ILE A 343 15.61 1.61 29.44
N LYS A 344 15.63 2.64 30.29
CA LYS A 344 16.39 3.86 30.04
C LYS A 344 17.79 3.70 30.59
N ILE A 345 18.80 3.85 29.74
CA ILE A 345 20.19 3.74 30.18
C ILE A 345 20.83 5.12 30.17
N SER A 346 20.73 5.82 31.30
CA SER A 346 21.54 6.99 31.58
C SER A 346 22.65 6.61 32.54
N ASP A 347 23.61 7.51 32.71
CA ASP A 347 24.62 7.27 33.71
C ASP A 347 24.08 7.66 35.08
N MET B 1 -41.95 7.34 -21.32
CA MET B 1 -40.93 8.37 -21.44
C MET B 1 -40.16 8.24 -22.75
N LYS B 2 -39.12 9.07 -22.92
CA LYS B 2 -38.43 9.23 -24.19
C LYS B 2 -36.93 9.04 -24.00
N ASN B 3 -36.25 8.71 -25.09
CA ASN B 3 -34.81 8.49 -25.10
C ASN B 3 -34.18 9.23 -26.28
N SER B 4 -32.87 9.44 -26.18
CA SER B 4 -32.08 10.07 -27.23
C SER B 4 -30.62 9.75 -26.98
N LYS B 5 -29.78 10.02 -27.98
CA LYS B 5 -28.35 9.80 -27.82
C LYS B 5 -27.57 10.85 -28.60
N ALA B 6 -26.36 11.12 -28.11
CA ALA B 6 -25.46 12.08 -28.74
C ALA B 6 -24.52 11.35 -29.68
N ILE B 7 -24.63 11.64 -30.97
CA ILE B 7 -23.84 10.96 -31.98
C ILE B 7 -22.89 11.95 -32.64
N LEU B 8 -21.79 11.41 -33.15
CA LEU B 8 -20.84 12.19 -33.94
C LEU B 8 -21.29 12.15 -35.40
N GLN B 9 -21.80 13.27 -35.89
CA GLN B 9 -22.14 13.37 -37.31
C GLN B 9 -20.86 13.50 -38.14
N VAL B 10 -20.25 14.68 -38.10
CA VAL B 10 -18.91 14.92 -38.62
C VAL B 10 -18.05 15.09 -37.38
N PRO B 11 -16.71 14.93 -37.45
CA PRO B 11 -15.86 15.26 -36.30
C PRO B 11 -16.29 16.50 -35.53
N GLY B 12 -16.22 17.67 -36.16
CA GLY B 12 -16.49 18.91 -35.45
C GLY B 12 -17.85 19.05 -34.78
N THR B 13 -18.77 18.10 -35.00
CA THR B 13 -20.18 18.33 -34.68
C THR B 13 -20.80 17.12 -33.99
N MET B 14 -21.34 17.37 -32.79
CA MET B 14 -22.22 16.43 -32.13
C MET B 14 -23.67 16.74 -32.50
N LYS B 15 -24.51 15.72 -32.49
CA LYS B 15 -25.94 15.87 -32.73
C LYS B 15 -26.71 14.97 -31.79
N ILE B 16 -27.75 15.51 -31.16
CA ILE B 16 -28.63 14.73 -30.31
C ILE B 16 -29.76 14.21 -31.17
N ILE B 17 -29.86 12.88 -31.30
CA ILE B 17 -30.85 12.27 -32.17
C ILE B 17 -31.82 11.45 -31.34
N SER B 18 -33.04 11.36 -31.82
CA SER B 18 -34.06 10.56 -31.14
C SER B 18 -33.71 9.08 -31.20
N ALA B 19 -34.06 8.38 -30.14
CA ALA B 19 -33.78 6.95 -30.05
C ALA B 19 -34.86 6.27 -29.23
N GLU B 20 -35.01 4.97 -29.45
CA GLU B 20 -35.94 4.18 -28.66
C GLU B 20 -35.29 3.83 -27.31
N ILE B 21 -36.14 3.53 -26.33
CA ILE B 21 -35.65 3.08 -25.04
C ILE B 21 -35.23 1.62 -25.18
N PRO B 22 -33.98 1.28 -24.87
CA PRO B 22 -33.55 -0.12 -25.03
C PRO B 22 -34.29 -1.03 -24.05
N VAL B 23 -34.37 -2.30 -24.43
CA VAL B 23 -34.92 -3.35 -23.60
C VAL B 23 -33.77 -4.24 -23.13
N PRO B 24 -33.58 -4.42 -21.82
CA PRO B 24 -32.43 -5.19 -21.35
C PRO B 24 -32.62 -6.68 -21.59
N LYS B 25 -31.50 -7.34 -21.90
CA LYS B 25 -31.53 -8.79 -21.97
C LYS B 25 -31.64 -9.38 -20.56
N GLU B 26 -31.74 -10.71 -20.49
CA GLU B 26 -32.15 -11.35 -19.25
C GLU B 26 -31.18 -11.07 -18.11
N ASP B 27 -29.90 -10.85 -18.40
CA ASP B 27 -28.90 -10.58 -17.37
C ASP B 27 -28.43 -9.13 -17.38
N GLU B 28 -29.14 -8.23 -18.06
CA GLU B 28 -28.79 -6.82 -18.14
C GLU B 28 -29.64 -5.97 -17.21
N VAL B 29 -29.08 -4.85 -16.76
CA VAL B 29 -29.81 -3.78 -16.11
C VAL B 29 -30.14 -2.74 -17.18
N LEU B 30 -31.24 -2.02 -16.99
CA LEU B 30 -31.54 -0.83 -17.77
C LEU B 30 -31.34 0.38 -16.89
N ILE B 31 -30.53 1.33 -17.37
CA ILE B 31 -30.07 2.46 -16.59
C ILE B 31 -30.58 3.75 -17.21
N LYS B 32 -31.11 4.65 -16.38
CA LYS B 32 -31.27 6.04 -16.79
C LYS B 32 -29.95 6.74 -16.46
N VAL B 33 -29.19 7.09 -17.49
CA VAL B 33 -27.86 7.65 -17.30
C VAL B 33 -27.99 9.05 -16.70
N GLU B 34 -27.17 9.33 -15.69
CA GLU B 34 -27.22 10.60 -14.99
C GLU B 34 -25.98 11.46 -15.21
N TYR B 35 -24.82 10.86 -15.43
CA TYR B 35 -23.60 11.59 -15.72
C TYR B 35 -22.75 10.81 -16.71
N VAL B 36 -22.01 11.55 -17.53
CA VAL B 36 -21.02 10.98 -18.44
C VAL B 36 -19.75 11.80 -18.33
N GLY B 37 -18.64 11.13 -17.98
CA GLY B 37 -17.36 11.81 -17.98
C GLY B 37 -16.85 12.05 -19.39
N ILE B 38 -16.14 13.16 -19.56
CA ILE B 38 -15.45 13.43 -20.80
C ILE B 38 -14.02 13.03 -20.62
N CSO B 39 -13.52 12.07 -21.40
N CSO B 39 -13.57 12.14 -21.51
CA CSO B 39 -12.08 11.85 -21.30
CA CSO B 39 -12.20 11.56 -21.43
CB CSO B 39 -11.75 10.50 -20.66
CB CSO B 39 -12.37 10.06 -21.16
SG CSO B 39 -10.21 10.68 -19.72
SG CSO B 39 -10.80 9.20 -21.29
C CSO B 39 -11.40 11.98 -22.65
C CSO B 39 -11.43 11.88 -22.69
O CSO B 39 -12.05 12.29 -23.66
O CSO B 39 -12.03 12.29 -23.69
OD CSO B 39 -10.50 11.27 -18.07
OD CSO B 39 -9.67 9.72 -20.02
N GLY B 40 -10.09 11.74 -22.63
CA GLY B 40 -9.25 11.99 -23.79
C GLY B 40 -9.70 11.29 -25.05
N SER B 41 -10.13 10.03 -24.91
CA SER B 41 -10.56 9.27 -26.08
C SER B 41 -11.83 9.88 -26.69
N ASP B 42 -12.73 10.43 -25.84
CA ASP B 42 -13.95 11.04 -26.37
C ASP B 42 -13.63 12.32 -27.13
N VAL B 43 -12.75 13.17 -26.58
CA VAL B 43 -12.39 14.40 -27.26
C VAL B 43 -11.69 14.10 -28.58
N HIS B 44 -10.81 13.09 -28.58
CA HIS B 44 -10.16 12.67 -29.82
C HIS B 44 -11.20 12.15 -30.81
N GLY B 45 -12.11 11.30 -30.35
CA GLY B 45 -13.21 10.88 -31.21
C GLY B 45 -13.98 12.04 -31.79
N PHE B 46 -14.41 12.96 -30.93
CA PHE B 46 -15.02 14.19 -31.41
C PHE B 46 -14.09 14.95 -32.34
N GLU B 47 -12.78 14.91 -32.09
CA GLU B 47 -11.88 15.70 -32.90
C GLU B 47 -11.65 15.08 -34.28
N SER B 48 -11.50 13.75 -34.35
CA SER B 48 -11.14 13.14 -35.64
C SER B 48 -11.80 11.78 -35.88
N GLY B 49 -12.92 11.48 -35.23
CA GLY B 49 -13.65 10.28 -35.52
C GLY B 49 -13.04 9.04 -34.88
N PRO B 50 -13.72 7.90 -35.04
CA PRO B 50 -13.23 6.66 -34.44
C PRO B 50 -12.29 5.92 -35.37
N PHE B 51 -11.19 5.43 -34.80
CA PHE B 51 -10.24 4.70 -35.61
C PHE B 51 -10.60 3.23 -35.67
N ILE B 52 -9.96 2.53 -36.61
CA ILE B 52 -10.39 1.18 -36.85
C ILE B 52 -11.77 1.63 -37.32
N PRO B 53 -11.79 2.32 -38.49
CA PRO B 53 -12.92 2.97 -39.16
C PRO B 53 -14.04 1.98 -39.26
N PRO B 54 -15.27 2.43 -38.99
CA PRO B 54 -16.15 1.26 -38.90
C PRO B 54 -16.55 0.59 -40.21
N LYS B 55 -17.09 -0.63 -40.07
CA LYS B 55 -17.56 -1.52 -41.13
C LYS B 55 -18.83 -1.00 -41.79
N ASP B 56 -19.15 0.27 -41.62
CA ASP B 56 -20.40 0.85 -42.09
C ASP B 56 -20.23 2.37 -42.15
N PRO B 57 -20.07 2.94 -43.34
CA PRO B 57 -19.96 4.41 -43.42
C PRO B 57 -21.13 5.14 -42.79
N ASN B 58 -22.31 4.54 -42.77
CA ASN B 58 -23.49 5.10 -42.13
C ASN B 58 -23.64 4.66 -40.68
N GLN B 59 -22.65 3.97 -40.13
CA GLN B 59 -22.72 3.51 -38.74
C GLN B 59 -22.89 4.70 -37.81
N GLU B 60 -23.85 4.60 -36.89
CA GLU B 60 -24.03 5.62 -35.88
C GLU B 60 -22.90 5.53 -34.85
N ILE B 61 -22.20 6.64 -34.65
CA ILE B 61 -21.05 6.68 -33.77
C ILE B 61 -21.44 7.42 -32.50
N GLY B 62 -21.61 6.68 -31.40
CA GLY B 62 -21.82 7.30 -30.12
C GLY B 62 -20.50 7.66 -29.46
N LEU B 63 -20.59 8.38 -28.35
CA LEU B 63 -19.42 8.71 -27.55
C LEU B 63 -19.78 8.56 -26.07
N GLY B 64 -18.73 8.40 -25.26
CA GLY B 64 -18.93 8.30 -23.82
C GLY B 64 -18.76 6.89 -23.28
N HIS B 65 -17.87 6.73 -22.30
CA HIS B 65 -17.68 5.45 -21.65
C HIS B 65 -17.59 5.53 -20.13
N GLU B 66 -17.50 6.74 -19.55
CA GLU B 66 -17.52 6.91 -18.09
C GLU B 66 -18.92 7.36 -17.71
N CYS B 67 -19.64 6.53 -16.95
CA CYS B 67 -21.04 6.86 -16.70
C CYS B 67 -21.55 6.12 -15.47
N ALA B 68 -22.70 6.58 -15.00
CA ALA B 68 -23.40 6.03 -13.84
C ALA B 68 -24.82 6.55 -13.86
N GLY B 69 -25.67 5.93 -13.06
CA GLY B 69 -27.06 6.36 -12.98
C GLY B 69 -27.90 5.49 -12.09
N THR B 70 -29.19 5.37 -12.41
CA THR B 70 -30.15 4.67 -11.59
C THR B 70 -30.79 3.56 -12.41
N VAL B 71 -30.89 2.36 -11.84
CA VAL B 71 -31.58 1.26 -12.51
C VAL B 71 -33.07 1.55 -12.55
N VAL B 72 -33.67 1.43 -13.73
CA VAL B 72 -35.11 1.57 -13.87
C VAL B 72 -35.79 0.26 -14.22
N ALA B 73 -35.06 -0.71 -14.80
CA ALA B 73 -35.60 -2.04 -15.07
C ALA B 73 -34.42 -3.01 -15.08
N VAL B 74 -34.72 -4.29 -14.85
CA VAL B 74 -33.71 -5.34 -14.89
C VAL B 74 -34.24 -6.51 -15.72
N GLY B 75 -33.32 -7.30 -16.25
CA GLY B 75 -33.70 -8.47 -17.02
C GLY B 75 -34.22 -9.58 -16.15
N SER B 76 -34.83 -10.57 -16.80
CA SER B 76 -35.56 -11.63 -16.11
C SER B 76 -34.70 -12.38 -15.08
N ARG B 77 -33.41 -12.46 -15.32
CA ARG B 77 -32.53 -13.17 -14.42
C ARG B 77 -31.56 -12.37 -13.58
N VAL B 78 -31.77 -11.07 -13.47
CA VAL B 78 -30.83 -10.27 -12.69
C VAL B 78 -31.11 -10.46 -11.21
N ARG B 79 -30.03 -10.71 -10.47
CA ARG B 79 -30.12 -10.98 -9.05
CA ARG B 79 -30.09 -11.00 -9.05
C ARG B 79 -29.48 -9.91 -8.18
N LYS B 80 -28.50 -9.17 -8.70
CA LYS B 80 -27.78 -8.17 -7.91
C LYS B 80 -28.52 -6.85 -7.77
N PHE B 81 -29.46 -6.55 -8.67
CA PHE B 81 -29.99 -5.20 -8.76
C PHE B 81 -31.50 -5.22 -8.93
N LYS B 82 -32.13 -4.13 -8.53
CA LYS B 82 -33.56 -3.90 -8.66
C LYS B 82 -33.77 -2.45 -9.01
N PRO B 83 -34.92 -2.09 -9.59
CA PRO B 83 -35.19 -0.69 -9.91
C PRO B 83 -35.01 0.20 -8.69
N GLY B 84 -34.38 1.36 -8.91
CA GLY B 84 -34.08 2.31 -7.87
C GLY B 84 -32.64 2.28 -7.38
N ASP B 85 -31.93 1.17 -7.61
CA ASP B 85 -30.51 1.09 -7.24
C ASP B 85 -29.70 2.07 -8.06
N ARG B 86 -28.87 2.86 -7.38
CA ARG B 86 -27.91 3.73 -8.03
C ARG B 86 -26.62 2.95 -8.27
N VAL B 87 -26.14 2.96 -9.51
CA VAL B 87 -25.02 2.11 -9.90
C VAL B 87 -24.09 2.89 -10.82
N ASN B 88 -22.89 2.35 -11.00
CA ASN B 88 -22.00 2.76 -12.07
C ASN B 88 -21.73 1.56 -12.98
N ILE B 89 -20.99 1.83 -14.06
CA ILE B 89 -20.84 0.91 -15.16
C ILE B 89 -19.36 0.72 -15.41
N GLU B 90 -18.89 -0.53 -15.38
CA GLU B 90 -17.55 -0.79 -15.89
C GLU B 90 -17.68 -1.13 -17.37
N PRO B 91 -17.15 -0.27 -18.25
CA PRO B 91 -17.59 -0.25 -19.65
C PRO B 91 -16.96 -1.28 -20.58
N GLY B 92 -15.98 -2.05 -20.11
CA GLY B 92 -15.42 -3.13 -20.92
C GLY B 92 -15.92 -4.48 -20.48
N VAL B 93 -16.71 -5.16 -21.31
CA VAL B 93 -17.27 -6.46 -20.98
C VAL B 93 -16.49 -7.52 -21.74
N PRO B 94 -15.67 -8.33 -21.07
CA PRO B 94 -14.85 -9.34 -21.77
C PRO B 94 -15.68 -10.57 -22.10
N CYS B 95 -15.05 -11.48 -22.85
CA CYS B 95 -15.75 -12.67 -23.30
C CYS B 95 -15.92 -13.69 -22.18
N GLY B 96 -14.98 -13.73 -21.23
CA GLY B 96 -15.08 -14.61 -20.08
C GLY B 96 -14.56 -16.02 -20.28
N HIS B 97 -14.17 -16.39 -21.50
CA HIS B 97 -13.76 -17.76 -21.76
C HIS B 97 -12.41 -17.90 -22.45
N CYS B 98 -11.76 -16.80 -22.83
CA CYS B 98 -10.47 -16.89 -23.48
C CYS B 98 -9.35 -17.03 -22.44
N ARG B 99 -8.13 -17.28 -22.92
CA ARG B 99 -7.03 -17.53 -21.99
C ARG B 99 -6.73 -16.28 -21.16
N TYR B 100 -6.87 -15.09 -21.74
CA TYR B 100 -6.62 -13.87 -20.98
C TYR B 100 -7.69 -13.67 -19.91
N CYS B 101 -8.95 -13.96 -20.21
CA CYS B 101 -9.98 -13.88 -19.19
C CYS B 101 -9.73 -14.87 -18.08
N LEU B 102 -9.41 -16.12 -18.44
CA LEU B 102 -9.28 -17.18 -17.45
C LEU B 102 -8.02 -17.05 -16.62
N GLU B 103 -7.04 -16.26 -17.07
CA GLU B 103 -5.79 -16.04 -16.36
C GLU B 103 -5.82 -14.81 -15.45
N GLY B 104 -6.93 -14.09 -15.40
CA GLY B 104 -7.03 -12.91 -14.57
C GLY B 104 -6.71 -11.60 -15.26
N LYS B 105 -6.63 -11.59 -16.59
CA LYS B 105 -6.34 -10.36 -17.33
C LYS B 105 -7.43 -10.08 -18.35
N TYR B 106 -8.70 -10.08 -17.92
CA TYR B 106 -9.79 -9.89 -18.88
C TYR B 106 -9.73 -8.54 -19.57
N ASN B 107 -8.96 -7.59 -19.03
CA ASN B 107 -8.87 -6.28 -19.68
C ASN B 107 -8.17 -6.36 -21.03
N ILE B 108 -7.31 -7.36 -21.25
CA ILE B 108 -6.67 -7.51 -22.55
C ILE B 108 -7.37 -8.57 -23.41
N CYS B 109 -8.58 -8.98 -23.03
CA CYS B 109 -9.35 -9.92 -23.84
C CYS B 109 -9.52 -9.40 -25.26
N PRO B 110 -9.16 -10.18 -26.29
CA PRO B 110 -9.31 -9.68 -27.67
C PRO B 110 -10.76 -9.53 -28.11
N ASP B 111 -11.71 -10.10 -27.38
CA ASP B 111 -13.12 -9.99 -27.70
C ASP B 111 -13.87 -9.08 -26.72
N VAL B 112 -13.16 -8.14 -26.08
CA VAL B 112 -13.81 -7.25 -25.12
C VAL B 112 -14.76 -6.32 -25.86
N ASP B 113 -15.90 -6.05 -25.23
CA ASP B 113 -16.92 -5.15 -25.75
C ASP B 113 -16.84 -3.89 -24.90
N PHE B 114 -16.15 -2.87 -25.43
CA PHE B 114 -15.91 -1.63 -24.71
C PHE B 114 -16.77 -0.52 -25.29
N MET B 115 -17.45 0.23 -24.41
CA MET B 115 -18.41 1.20 -24.92
C MET B 115 -17.74 2.25 -25.81
N ALA B 116 -18.51 2.65 -26.82
CA ALA B 116 -18.12 3.71 -27.75
C ALA B 116 -16.88 3.37 -28.56
N THR B 117 -16.64 2.09 -28.82
CA THR B 117 -15.47 1.70 -29.60
C THR B 117 -15.91 0.69 -30.68
N GLN B 118 -14.87 0.11 -31.27
CA GLN B 118 -14.86 -0.82 -32.40
C GLN B 118 -16.05 -1.69 -32.82
N PRO B 119 -16.59 -2.48 -31.90
CA PRO B 119 -17.61 -3.45 -32.31
C PRO B 119 -18.95 -2.78 -32.61
N ASN B 120 -19.40 -1.93 -31.69
CA ASN B 120 -20.74 -1.37 -31.77
C ASN B 120 -20.84 0.15 -31.71
N TYR B 121 -19.87 0.84 -31.11
CA TYR B 121 -19.90 2.30 -30.99
C TYR B 121 -21.13 2.78 -30.21
N ARG B 122 -21.51 2.01 -29.19
CA ARG B 122 -22.58 2.40 -28.29
C ARG B 122 -22.01 3.36 -27.24
N GLY B 123 -22.56 4.56 -27.18
CA GLY B 123 -22.06 5.59 -26.31
C GLY B 123 -22.86 5.72 -25.03
N ALA B 124 -22.19 6.16 -23.96
CA ALA B 124 -22.88 6.44 -22.71
C ALA B 124 -23.70 7.72 -22.77
N LEU B 125 -23.44 8.58 -23.76
CA LEU B 125 -24.16 9.85 -23.89
C LEU B 125 -25.54 9.55 -24.45
N THR B 126 -26.44 9.19 -23.55
CA THR B 126 -27.78 8.71 -23.87
C THR B 126 -28.58 8.73 -22.58
N HIS B 127 -29.90 8.84 -22.71
CA HIS B 127 -30.73 8.86 -21.51
C HIS B 127 -30.87 7.46 -20.91
N TYR B 128 -30.89 6.43 -21.75
CA TYR B 128 -31.13 5.07 -21.30
C TYR B 128 -30.11 4.13 -21.90
N LEU B 129 -29.63 3.20 -21.08
CA LEU B 129 -28.51 2.34 -21.41
C LEU B 129 -28.71 0.99 -20.76
N CYS B 130 -28.43 -0.06 -21.51
CA CYS B 130 -28.44 -1.43 -20.97
C CYS B 130 -27.00 -1.91 -20.79
N HIS B 131 -26.76 -2.61 -19.67
CA HIS B 131 -25.42 -3.09 -19.34
C HIS B 131 -25.52 -4.42 -18.62
N PRO B 132 -24.61 -5.35 -18.89
CA PRO B 132 -24.63 -6.62 -18.16
C PRO B 132 -24.48 -6.40 -16.66
N GLU B 133 -25.28 -7.13 -15.89
CA GLU B 133 -25.25 -6.98 -14.43
C GLU B 133 -23.86 -7.27 -13.88
N SER B 134 -23.11 -8.16 -14.53
CA SER B 134 -21.82 -8.59 -14.02
C SER B 134 -20.82 -7.45 -13.97
N PHE B 135 -20.98 -6.43 -14.82
CA PHE B 135 -20.06 -5.29 -14.83
C PHE B 135 -20.79 -4.00 -14.50
N THR B 136 -21.79 -4.11 -13.63
CA THR B 136 -22.48 -3.00 -13.00
C THR B 136 -22.25 -3.10 -11.49
N TYR B 137 -22.15 -1.95 -10.82
CA TYR B 137 -21.81 -1.95 -9.41
C TYR B 137 -22.67 -0.97 -8.64
N LYS B 138 -23.21 -1.44 -7.51
CA LYS B 138 -24.03 -0.60 -6.66
C LYS B 138 -23.19 0.48 -6.01
N LEU B 139 -23.72 1.70 -6.00
CA LEU B 139 -22.93 2.75 -5.35
C LEU B 139 -23.29 2.85 -3.87
N PRO B 140 -22.30 3.11 -3.02
CA PRO B 140 -22.61 3.36 -1.60
C PRO B 140 -23.49 4.58 -1.44
N ASP B 141 -24.20 4.63 -0.32
CA ASP B 141 -25.18 5.70 -0.11
C ASP B 141 -24.53 7.07 -0.08
N ASN B 142 -23.28 7.17 0.38
CA ASN B 142 -22.61 8.46 0.50
C ASN B 142 -21.92 8.88 -0.79
N MET B 143 -22.12 8.14 -1.88
CA MET B 143 -21.43 8.37 -3.15
C MET B 143 -22.47 8.67 -4.22
N ASP B 144 -22.40 9.87 -4.80
CA ASP B 144 -23.41 10.24 -5.79
C ASP B 144 -23.00 9.73 -7.17
N THR B 145 -23.91 9.88 -8.13
CA THR B 145 -23.65 9.29 -9.43
C THR B 145 -22.58 10.04 -10.21
N MET B 146 -22.29 11.30 -9.86
CA MET B 146 -21.13 11.94 -10.47
C MET B 146 -19.84 11.27 -10.02
N GLU B 147 -19.73 11.00 -8.72
CA GLU B 147 -18.57 10.26 -8.22
C GLU B 147 -18.51 8.86 -8.81
N GLY B 148 -19.66 8.16 -8.88
CA GLY B 148 -19.67 6.85 -9.50
C GLY B 148 -19.21 6.88 -10.95
N THR B 149 -19.53 7.97 -11.65
CA THR B 149 -19.05 8.13 -13.03
C THR B 149 -17.52 8.24 -13.06
N LEU B 150 -16.95 8.97 -12.12
CA LEU B 150 -15.51 9.19 -12.09
C LEU B 150 -14.72 7.99 -11.56
N VAL B 151 -15.40 6.92 -11.13
CA VAL B 151 -14.69 5.70 -10.76
C VAL B 151 -13.89 5.17 -11.95
N GLU B 152 -14.39 5.36 -13.16
CA GLU B 152 -13.72 4.80 -14.34
C GLU B 152 -12.33 5.36 -14.53
N PRO B 153 -12.13 6.69 -14.64
CA PRO B 153 -10.74 7.19 -14.68
C PRO B 153 -9.99 6.91 -13.39
N ALA B 154 -10.67 6.91 -12.25
CA ALA B 154 -10.00 6.54 -11.00
C ALA B 154 -9.44 5.12 -11.08
N ALA B 155 -10.18 4.22 -11.71
CA ALA B 155 -9.75 2.83 -11.80
C ALA B 155 -8.58 2.65 -12.76
N VAL B 156 -8.44 3.53 -13.75
CA VAL B 156 -7.25 3.53 -14.57
C VAL B 156 -6.02 3.80 -13.70
N GLY B 157 -6.11 4.80 -12.82
CA GLY B 157 -4.99 5.10 -11.95
C GLY B 157 -4.74 3.99 -10.93
N MET B 158 -5.81 3.41 -10.39
CA MET B 158 -5.66 2.33 -9.42
C MET B 158 -4.99 1.12 -10.05
N HIS B 159 -5.43 0.74 -11.24
CA HIS B 159 -4.82 -0.38 -11.96
C HIS B 159 -3.34 -0.13 -12.18
N ALA B 160 -2.97 1.08 -12.58
CA ALA B 160 -1.57 1.41 -12.82
C ALA B 160 -0.74 1.28 -11.55
N ALA B 161 -1.26 1.83 -10.44
CA ALA B 161 -0.52 1.77 -9.18
C ALA B 161 -0.41 0.33 -8.68
N MET B 162 -1.48 -0.45 -8.82
CA MET B 162 -1.46 -1.85 -8.40
C MET B 162 -0.49 -2.67 -9.26
N LEU B 163 -0.57 -2.50 -10.58
CA LEU B 163 0.35 -3.20 -11.47
C LEU B 163 1.79 -2.84 -11.16
N ALA B 164 2.04 -1.60 -10.75
CA ALA B 164 3.39 -1.16 -10.44
C ALA B 164 3.86 -1.63 -9.06
N ASP B 165 2.98 -2.26 -8.27
CA ASP B 165 3.30 -2.69 -6.91
C ASP B 165 3.78 -1.53 -6.05
N VAL B 166 3.09 -0.39 -6.15
CA VAL B 166 3.38 0.73 -5.26
C VAL B 166 3.24 0.27 -3.81
N LYS B 167 4.14 0.73 -2.97
CA LYS B 167 4.06 0.45 -1.54
C LYS B 167 4.89 1.50 -0.81
N PRO B 168 4.78 1.57 0.52
CA PRO B 168 5.66 2.47 1.28
C PRO B 168 7.13 2.19 0.96
N GLY B 169 7.93 3.26 0.97
CA GLY B 169 9.34 3.14 0.70
C GLY B 169 9.73 3.19 -0.76
N LYS B 170 8.78 3.37 -1.66
CA LYS B 170 9.08 3.46 -3.09
C LYS B 170 8.86 4.90 -3.53
N LYS B 171 9.94 5.54 -3.98
CA LYS B 171 9.89 6.91 -4.45
C LYS B 171 9.32 6.94 -5.87
N ILE B 172 8.38 7.86 -6.10
CA ILE B 172 7.53 7.87 -7.29
C ILE B 172 7.73 9.16 -8.06
N ILE B 173 7.73 9.06 -9.38
CA ILE B 173 7.63 10.20 -10.27
C ILE B 173 6.46 9.96 -11.22
N ILE B 174 5.56 10.93 -11.31
CA ILE B 174 4.44 10.86 -12.25
C ILE B 174 4.63 11.97 -13.27
N LEU B 175 4.75 11.61 -14.54
CA LEU B 175 4.85 12.56 -15.63
C LEU B 175 3.45 12.84 -16.16
N GLY B 176 2.96 14.06 -15.96
CA GLY B 176 1.61 14.40 -16.36
C GLY B 176 0.69 14.57 -15.18
N ALA B 177 0.13 15.76 -15.03
CA ALA B 177 -0.83 16.07 -13.97
C ALA B 177 -2.23 16.32 -14.54
N GLY B 178 -2.54 15.72 -15.68
CA GLY B 178 -3.91 15.69 -16.16
C GLY B 178 -4.74 14.71 -15.34
N CYS B 179 -5.95 14.46 -15.82
CA CYS B 179 -6.88 13.63 -15.06
C CYS B 179 -6.26 12.29 -14.70
N ILE B 180 -5.66 11.61 -15.67
CA ILE B 180 -5.13 10.28 -15.41
C ILE B 180 -3.92 10.34 -14.49
N GLY B 181 -3.04 11.32 -14.68
CA GLY B 181 -1.93 11.50 -13.76
C GLY B 181 -2.39 11.74 -12.34
N LEU B 182 -3.47 12.52 -12.17
CA LEU B 182 -3.99 12.80 -10.84
C LEU B 182 -4.67 11.58 -10.22
N MET B 183 -5.32 10.76 -11.04
CA MET B 183 -5.88 9.55 -10.54
C MET B 183 -4.76 8.59 -10.11
N THR B 184 -3.69 8.51 -10.90
CA THR B 184 -2.53 7.68 -10.57
C THR B 184 -1.90 8.13 -9.27
N LEU B 185 -1.77 9.45 -9.10
CA LEU B 185 -1.22 10.01 -7.87
C LEU B 185 -2.02 9.57 -6.64
N GLN B 186 -3.34 9.66 -6.73
CA GLN B 186 -4.18 9.31 -5.58
C GLN B 186 -4.16 7.81 -5.31
N ALA B 187 -4.09 7.01 -6.37
CA ALA B 187 -3.89 5.58 -6.19
C ALA B 187 -2.57 5.28 -5.49
N CYS B 188 -1.51 6.00 -5.88
CA CYS B 188 -0.22 5.79 -5.21
C CYS B 188 -0.29 6.14 -3.74
N LYS B 189 -1.00 7.21 -3.40
CA LYS B 189 -1.22 7.54 -1.99
CA LYS B 189 -1.21 7.54 -1.99
C LYS B 189 -1.98 6.43 -1.28
N CYS B 190 -3.01 5.88 -1.94
CA CYS B 190 -3.81 4.83 -1.30
C CYS B 190 -2.99 3.57 -1.07
N LEU B 191 -2.00 3.31 -1.91
CA LEU B 191 -1.14 2.14 -1.73
C LEU B 191 0.03 2.41 -0.79
N GLY B 192 0.15 3.61 -0.24
CA GLY B 192 1.07 3.85 0.85
C GLY B 192 2.32 4.61 0.50
N ALA B 193 2.51 4.98 -0.77
CA ALA B 193 3.67 5.77 -1.16
C ALA B 193 3.64 7.12 -0.45
N THR B 194 4.81 7.56 0.02
CA THR B 194 4.93 8.80 0.76
C THR B 194 5.75 9.86 0.04
N GLU B 195 6.54 9.49 -0.96
CA GLU B 195 7.36 10.43 -1.71
C GLU B 195 6.99 10.30 -3.18
N ILE B 196 6.33 11.33 -3.69
CA ILE B 196 5.77 11.33 -5.04
C ILE B 196 6.02 12.71 -5.63
N ALA B 197 6.81 12.77 -6.69
CA ALA B 197 6.98 13.99 -7.45
C ALA B 197 6.11 13.92 -8.70
N VAL B 198 5.45 15.04 -9.02
CA VAL B 198 4.57 15.14 -10.16
C VAL B 198 5.10 16.23 -11.07
N VAL B 199 5.20 15.94 -12.36
CA VAL B 199 5.79 16.85 -13.35
C VAL B 199 4.72 17.23 -14.35
N ASP B 200 4.54 18.53 -14.57
CA ASP B 200 3.67 19.02 -15.63
C ASP B 200 4.21 20.35 -16.12
N VAL B 201 3.50 20.97 -17.06
CA VAL B 201 3.88 22.27 -17.57
C VAL B 201 2.84 23.34 -17.28
N LEU B 202 1.81 23.01 -16.50
CA LEU B 202 0.73 23.94 -16.19
C LEU B 202 0.62 24.08 -14.68
N GLU B 203 0.69 25.32 -14.20
CA GLU B 203 0.71 25.56 -12.76
CA GLU B 203 0.70 25.58 -12.76
C GLU B 203 -0.57 25.07 -12.09
N LYS B 204 -1.72 25.25 -12.74
CA LYS B 204 -2.97 24.80 -12.14
C LYS B 204 -3.02 23.28 -11.97
N ARG B 205 -2.44 22.54 -12.91
CA ARG B 205 -2.39 21.08 -12.76
C ARG B 205 -1.47 20.70 -11.61
N LEU B 206 -0.37 21.43 -11.43
CA LEU B 206 0.53 21.16 -10.34
C LEU B 206 -0.07 21.55 -8.99
N ALA B 207 -0.83 22.64 -8.94
CA ALA B 207 -1.53 22.99 -7.71
C ALA B 207 -2.55 21.91 -7.36
N MET B 208 -3.27 21.39 -8.37
CA MET B 208 -4.19 20.29 -8.10
C MET B 208 -3.44 19.05 -7.65
N ALA B 209 -2.27 18.77 -8.24
CA ALA B 209 -1.47 17.64 -7.77
C ALA B 209 -1.07 17.83 -6.32
N GLU B 210 -0.69 19.06 -5.93
CA GLU B 210 -0.41 19.34 -4.52
C GLU B 210 -1.63 19.04 -3.66
N GLN B 211 -2.80 19.55 -4.08
CA GLN B 211 -4.03 19.29 -3.34
C GLN B 211 -4.28 17.80 -3.19
N LEU B 212 -3.94 17.02 -4.21
CA LEU B 212 -4.25 15.60 -4.23
C LEU B 212 -3.10 14.73 -3.74
N GLY B 213 -2.05 15.33 -3.17
CA GLY B 213 -1.08 14.57 -2.39
C GLY B 213 0.33 14.52 -2.91
N ALA B 214 0.66 15.23 -4.00
CA ALA B 214 2.04 15.28 -4.44
C ALA B 214 2.91 15.92 -3.37
N THR B 215 4.06 15.32 -3.09
CA THR B 215 4.95 15.93 -2.11
C THR B 215 5.92 16.91 -2.73
N VAL B 216 6.22 16.74 -4.02
CA VAL B 216 7.02 17.67 -4.80
C VAL B 216 6.33 17.86 -6.14
N VAL B 217 6.28 19.10 -6.61
CA VAL B 217 5.77 19.38 -7.95
C VAL B 217 6.87 20.07 -8.75
N ILE B 218 6.98 19.70 -10.02
CA ILE B 218 8.02 20.21 -10.91
C ILE B 218 7.35 20.71 -12.18
N ASN B 219 7.61 21.97 -12.52
CA ASN B 219 7.14 22.55 -13.77
C ASN B 219 8.23 22.38 -14.82
N GLY B 220 8.04 21.43 -15.74
CA GLY B 220 9.04 21.14 -16.74
C GLY B 220 9.29 22.26 -17.72
N ALA B 221 8.34 23.19 -17.86
CA ALA B 221 8.57 24.35 -18.71
C ALA B 221 9.45 25.39 -18.02
N LYS B 222 9.33 25.52 -16.71
CA LYS B 222 10.09 26.51 -15.96
C LYS B 222 11.34 25.94 -15.28
N GLU B 223 11.45 24.61 -15.20
CA GLU B 223 12.57 23.98 -14.51
C GLU B 223 13.12 22.83 -15.36
N ASP B 224 14.37 22.47 -15.10
CA ASP B 224 15.00 21.28 -15.68
C ASP B 224 14.38 20.06 -15.01
N THR B 225 13.50 19.37 -15.74
CA THR B 225 12.80 18.21 -15.17
C THR B 225 13.77 17.16 -14.65
N ILE B 226 14.79 16.83 -15.46
CA ILE B 226 15.70 15.75 -15.08
C ILE B 226 16.53 16.15 -13.87
N ALA B 227 17.04 17.38 -13.85
CA ALA B 227 17.86 17.82 -12.72
C ALA B 227 17.05 17.87 -11.43
N ARG B 228 15.79 18.30 -11.53
CA ARG B 228 14.95 18.38 -10.34
C ARG B 228 14.56 17.00 -9.84
N CYS B 229 14.29 16.07 -10.77
CA CYS B 229 13.96 14.71 -10.36
C CYS B 229 15.15 14.00 -9.75
N GLN B 230 16.36 14.28 -10.25
CA GLN B 230 17.56 13.68 -9.65
C GLN B 230 17.78 14.23 -8.24
N GLN B 231 17.55 15.53 -8.05
CA GLN B 231 17.57 16.09 -6.71
C GLN B 231 16.55 15.41 -5.82
N PHE B 232 15.33 15.21 -6.34
CA PHE B 232 14.28 14.52 -5.60
C PHE B 232 14.70 13.10 -5.23
N THR B 233 15.39 12.39 -6.12
CA THR B 233 15.77 11.01 -5.87
C THR B 233 17.22 10.84 -5.42
N GLU B 234 17.90 11.95 -5.08
CA GLU B 234 19.31 11.96 -4.67
C GLU B 234 20.19 11.18 -5.66
N ASP B 235 19.99 11.51 -6.93
CA ASP B 235 20.75 10.98 -8.06
C ASP B 235 20.61 9.47 -8.21
N MET B 236 19.62 8.87 -7.57
CA MET B 236 19.43 7.43 -7.66
C MET B 236 18.33 7.05 -8.64
N GLY B 237 17.49 7.98 -9.04
CA GLY B 237 16.32 7.67 -9.84
C GLY B 237 15.18 7.17 -8.97
N ALA B 238 13.97 7.26 -9.51
CA ALA B 238 12.79 6.83 -8.78
C ALA B 238 12.59 5.34 -8.90
N ASP B 239 12.03 4.73 -7.85
CA ASP B 239 11.63 3.33 -7.93
C ASP B 239 10.63 3.09 -9.05
N ILE B 240 9.67 4.00 -9.23
CA ILE B 240 8.64 3.86 -10.25
C ILE B 240 8.43 5.21 -10.92
N VAL B 241 8.43 5.22 -12.25
CA VAL B 241 8.07 6.40 -13.03
C VAL B 241 6.82 6.06 -13.83
N PHE B 242 5.77 6.84 -13.61
CA PHE B 242 4.54 6.73 -14.38
C PHE B 242 4.55 7.79 -15.47
N GLU B 243 4.36 7.36 -16.71
CA GLU B 243 4.09 8.29 -17.81
C GLU B 243 2.59 8.30 -18.06
N THR B 244 1.98 9.47 -17.92
CA THR B 244 0.53 9.60 -18.01
C THR B 244 0.09 10.72 -18.93
N ALA B 245 1.01 11.49 -19.52
CA ALA B 245 0.63 12.64 -20.32
C ALA B 245 0.24 12.28 -21.74
N GLY B 246 0.78 11.18 -22.27
CA GLY B 246 0.56 10.86 -23.67
C GLY B 246 1.48 11.60 -24.61
N SER B 247 2.70 11.89 -24.19
CA SER B 247 3.66 12.66 -24.98
C SER B 247 4.92 11.84 -25.20
N ALA B 248 5.46 11.91 -26.42
CA ALA B 248 6.80 11.37 -26.65
C ALA B 248 7.83 12.11 -25.80
N VAL B 249 7.57 13.37 -25.50
CA VAL B 249 8.35 14.15 -24.54
C VAL B 249 8.57 13.33 -23.28
N THR B 250 7.47 13.05 -22.57
CA THR B 250 7.57 12.39 -21.27
C THR B 250 8.07 10.95 -21.41
N VAL B 251 7.57 10.22 -22.42
CA VAL B 251 7.99 8.83 -22.59
C VAL B 251 9.49 8.74 -22.81
N LYS B 252 10.03 9.63 -23.65
CA LYS B 252 11.47 9.63 -23.91
C LYS B 252 12.27 10.06 -22.68
N GLN B 253 11.65 10.84 -21.79
CA GLN B 253 12.35 11.30 -20.59
C GLN B 253 12.44 10.22 -19.51
N ALA B 254 11.45 9.33 -19.43
CA ALA B 254 11.35 8.41 -18.32
C ALA B 254 12.59 7.52 -18.11
N PRO B 255 13.26 7.01 -19.16
CA PRO B 255 14.51 6.26 -18.90
C PRO B 255 15.53 7.01 -18.08
N TYR B 256 15.56 8.34 -18.17
CA TYR B 256 16.52 9.16 -17.44
C TYR B 256 16.12 9.40 -16.00
N LEU B 257 14.93 8.96 -15.60
CA LEU B 257 14.39 9.25 -14.28
C LEU B 257 14.26 8.04 -13.38
N VAL B 258 14.34 6.83 -13.93
CA VAL B 258 14.07 5.61 -13.19
C VAL B 258 15.37 5.04 -12.65
N MET B 259 15.30 4.48 -11.44
CA MET B 259 16.41 3.84 -10.79
C MET B 259 16.75 2.51 -11.47
N ARG B 260 17.99 2.04 -11.29
CA ARG B 260 18.32 0.68 -11.69
C ARG B 260 17.37 -0.30 -11.01
N GLY B 261 16.95 -1.31 -11.77
CA GLY B 261 15.97 -2.27 -11.27
C GLY B 261 14.56 -1.74 -11.09
N GLY B 262 14.29 -0.50 -11.52
CA GLY B 262 12.99 0.12 -11.30
C GLY B 262 12.00 -0.18 -12.40
N LYS B 263 10.89 0.57 -12.37
CA LYS B 263 9.79 0.35 -13.29
C LYS B 263 9.38 1.66 -13.95
N ILE B 264 9.11 1.58 -15.25
CA ILE B 264 8.45 2.63 -16.00
C ILE B 264 7.09 2.09 -16.42
N MET B 265 6.03 2.80 -16.04
CA MET B 265 4.65 2.43 -16.35
C MET B 265 4.11 3.42 -17.35
N ILE B 266 3.66 2.93 -18.51
CA ILE B 266 3.06 3.79 -19.53
C ILE B 266 1.54 3.64 -19.40
N VAL B 267 0.90 4.67 -18.86
CA VAL B 267 -0.51 4.64 -18.50
C VAL B 267 -1.27 5.30 -19.65
N GLY B 268 -1.90 4.47 -20.48
CA GLY B 268 -2.58 4.98 -21.66
C GLY B 268 -1.61 5.10 -22.81
N THR B 269 -2.06 4.71 -24.01
CA THR B 269 -1.14 4.58 -25.13
C THR B 269 -0.77 5.93 -25.73
N VAL B 270 0.49 6.05 -26.13
CA VAL B 270 1.07 7.15 -26.89
C VAL B 270 0.96 6.81 -28.37
N PRO B 271 0.39 7.64 -29.24
CA PRO B 271 0.08 7.16 -30.61
C PRO B 271 1.29 6.89 -31.48
N GLY B 272 2.45 7.50 -31.19
CA GLY B 272 3.62 7.37 -32.02
C GLY B 272 4.73 6.56 -31.37
N ALA B 273 5.74 6.27 -32.17
CA ALA B 273 6.95 5.63 -31.67
C ALA B 273 7.86 6.69 -31.04
N SER B 274 8.56 6.27 -29.98
CA SER B 274 9.52 7.14 -29.30
C SER B 274 10.85 6.42 -29.19
N ALA B 275 11.93 7.16 -29.41
CA ALA B 275 13.27 6.61 -29.28
C ALA B 275 13.57 6.38 -27.80
N ILE B 276 13.71 5.12 -27.40
CA ILE B 276 14.05 4.76 -26.03
C ILE B 276 15.54 4.51 -25.94
N ASN B 277 16.20 5.21 -25.02
CA ASN B 277 17.62 5.03 -24.75
C ASN B 277 17.75 3.86 -23.77
N PHE B 278 17.94 2.66 -24.33
CA PHE B 278 18.00 1.45 -23.51
C PHE B 278 19.29 1.33 -22.71
N LEU B 279 20.36 1.98 -23.16
CA LEU B 279 21.60 1.99 -22.39
C LEU B 279 21.37 2.59 -21.01
N LYS B 280 20.61 3.68 -20.94
CA LYS B 280 20.34 4.35 -19.68
C LYS B 280 19.57 3.47 -18.70
N ILE B 281 18.84 2.48 -19.19
CA ILE B 281 18.06 1.60 -18.31
C ILE B 281 18.53 0.17 -18.50
N ASN B 282 19.82 -0.01 -18.76
CA ASN B 282 20.33 -1.35 -19.05
C ASN B 282 20.38 -2.25 -17.81
N ARG B 283 20.19 -1.71 -16.62
CA ARG B 283 20.32 -2.51 -15.40
C ARG B 283 18.94 -2.97 -14.92
N GLU B 284 18.29 -3.73 -15.80
CA GLU B 284 17.11 -4.53 -15.48
C GLU B 284 15.91 -3.65 -15.10
N VAL B 285 15.78 -2.52 -15.80
CA VAL B 285 14.58 -1.73 -15.69
C VAL B 285 13.46 -2.40 -16.51
N THR B 286 12.24 -2.28 -16.02
CA THR B 286 11.06 -2.82 -16.69
C THR B 286 10.19 -1.68 -17.20
N ILE B 287 9.78 -1.76 -18.47
CA ILE B 287 8.78 -0.86 -19.02
C ILE B 287 7.50 -1.66 -19.26
N GLN B 288 6.41 -1.26 -18.63
CA GLN B 288 5.15 -1.97 -18.90
C GLN B 288 4.05 -0.98 -19.24
N THR B 289 3.30 -1.33 -20.29
CA THR B 289 2.09 -0.58 -20.62
C THR B 289 0.95 -0.98 -19.70
N VAL B 290 0.05 -0.05 -19.45
CA VAL B 290 -1.08 -0.24 -18.55
C VAL B 290 -2.34 0.00 -19.35
N PHE B 291 -3.24 -0.99 -19.39
CA PHE B 291 -4.40 -0.95 -20.27
C PHE B 291 -5.68 -1.03 -19.44
N ARG B 292 -6.39 0.10 -19.35
CA ARG B 292 -7.68 0.17 -18.65
C ARG B 292 -7.58 -0.37 -17.23
N TYR B 293 -8.30 -1.44 -16.93
CA TYR B 293 -8.41 -1.94 -15.57
C TYR B 293 -8.97 -3.34 -15.63
N ALA B 294 -8.59 -4.14 -14.65
CA ALA B 294 -9.24 -5.42 -14.41
C ALA B 294 -9.39 -5.56 -12.91
N ASN B 295 -10.62 -5.83 -12.47
CA ASN B 295 -10.94 -6.12 -11.08
C ASN B 295 -10.58 -4.97 -10.14
N ARG B 296 -10.68 -3.73 -10.62
CA ARG B 296 -10.35 -2.57 -9.79
C ARG B 296 -11.57 -1.77 -9.33
N TYR B 297 -12.77 -2.08 -9.84
CA TYR B 297 -13.91 -1.23 -9.51
C TYR B 297 -14.26 -1.27 -8.03
N PRO B 298 -14.43 -2.45 -7.40
CA PRO B 298 -14.77 -2.44 -5.96
C PRO B 298 -13.79 -1.65 -5.10
N VAL B 299 -12.49 -1.85 -5.28
CA VAL B 299 -11.52 -1.19 -4.41
C VAL B 299 -11.46 0.29 -4.70
N THR B 300 -11.74 0.69 -5.94
CA THR B 300 -11.79 2.12 -6.26
C THR B 300 -13.05 2.76 -5.71
N ILE B 301 -14.18 2.05 -5.78
CA ILE B 301 -15.40 2.53 -5.16
C ILE B 301 -15.21 2.70 -3.65
N GLU B 302 -14.55 1.72 -3.00
CA GLU B 302 -14.23 1.85 -1.59
C GLU B 302 -13.40 3.10 -1.33
N ALA B 303 -12.34 3.30 -2.12
CA ALA B 303 -11.40 4.41 -1.89
C ALA B 303 -12.11 5.76 -1.97
N ILE B 304 -12.98 5.95 -2.97
CA ILE B 304 -13.71 7.20 -3.09
C ILE B 304 -14.73 7.33 -1.96
N SER B 305 -15.51 6.27 -1.75
CA SER B 305 -16.56 6.30 -0.73
C SER B 305 -15.99 6.64 0.65
N SER B 306 -14.83 6.10 0.98
CA SER B 306 -14.19 6.38 2.26
C SER B 306 -13.73 7.82 2.40
N GLY B 307 -13.58 8.54 1.29
CA GLY B 307 -13.04 9.88 1.32
C GLY B 307 -11.54 9.97 1.14
N ARG B 308 -10.84 8.83 1.06
CA ARG B 308 -9.39 8.91 0.87
C ARG B 308 -9.04 9.27 -0.56
N PHE B 309 -9.92 8.99 -1.50
CA PHE B 309 -9.70 9.20 -2.93
C PHE B 309 -10.69 10.29 -3.37
N ASP B 310 -10.16 11.45 -3.76
CA ASP B 310 -11.08 12.54 -4.08
C ASP B 310 -11.11 12.73 -5.59
N VAL B 311 -12.35 12.59 -6.08
CA VAL B 311 -12.60 12.79 -7.50
C VAL B 311 -13.37 14.08 -7.79
N LYS B 312 -14.07 14.64 -6.80
CA LYS B 312 -14.88 15.83 -7.05
C LYS B 312 -14.02 17.09 -7.17
N SER B 313 -12.94 17.19 -6.40
CA SER B 313 -12.13 18.39 -6.41
C SER B 313 -11.57 18.69 -7.80
N MET B 314 -11.26 17.64 -8.58
CA MET B 314 -10.60 17.86 -9.86
C MET B 314 -11.56 18.21 -10.99
N VAL B 315 -12.87 18.05 -10.78
CA VAL B 315 -13.84 18.41 -11.81
C VAL B 315 -13.80 19.91 -12.05
N THR B 316 -13.44 20.32 -13.26
CA THR B 316 -13.33 21.74 -13.59
C THR B 316 -14.66 22.35 -14.00
N HIS B 317 -15.44 21.63 -14.81
CA HIS B 317 -16.68 22.15 -15.35
C HIS B 317 -17.68 21.01 -15.48
N ILE B 318 -18.94 21.35 -15.30
CA ILE B 318 -20.06 20.47 -15.58
C ILE B 318 -20.86 21.10 -16.71
N TYR B 319 -21.28 20.27 -17.65
CA TYR B 319 -22.12 20.71 -18.77
C TYR B 319 -23.40 19.88 -18.78
N ASP B 320 -24.49 20.50 -19.19
CA ASP B 320 -25.69 19.71 -19.39
C ASP B 320 -25.66 19.01 -20.75
N TYR B 321 -26.27 17.81 -20.78
CA TYR B 321 -26.30 16.99 -21.98
C TYR B 321 -26.86 17.76 -23.19
N ARG B 322 -27.83 18.64 -22.96
CA ARG B 322 -28.36 19.46 -24.05
C ARG B 322 -27.32 20.40 -24.62
N ASP B 323 -26.25 20.71 -23.86
CA ASP B 323 -25.14 21.53 -24.34
C ASP B 323 -23.93 20.67 -24.70
N VAL B 324 -24.16 19.46 -25.22
CA VAL B 324 -23.06 18.54 -25.48
C VAL B 324 -22.10 19.13 -26.52
N GLN B 325 -22.62 19.89 -27.48
CA GLN B 325 -21.76 20.51 -28.48
C GLN B 325 -20.82 21.52 -27.82
N GLN B 326 -21.37 22.45 -27.04
CA GLN B 326 -20.56 23.38 -26.26
C GLN B 326 -19.52 22.64 -25.44
N ALA B 327 -19.94 21.54 -24.80
CA ALA B 327 -19.04 20.79 -23.92
C ALA B 327 -17.82 20.28 -24.68
N PHE B 328 -18.02 19.74 -25.89
CA PHE B 328 -16.89 19.23 -26.65
C PHE B 328 -16.13 20.36 -27.34
N GLU B 329 -16.81 21.44 -27.72
CA GLU B 329 -16.11 22.60 -28.24
C GLU B 329 -15.16 23.19 -27.19
N GLU B 330 -15.62 23.30 -25.94
CA GLU B 330 -14.75 23.80 -24.89
C GLU B 330 -13.65 22.79 -24.54
N SER B 331 -13.96 21.49 -24.62
CA SER B 331 -12.96 20.47 -24.34
C SER B 331 -11.80 20.52 -25.33
N VAL B 332 -11.99 21.12 -26.50
CA VAL B 332 -10.90 21.31 -27.45
C VAL B 332 -10.25 22.68 -27.29
N ASN B 333 -11.07 23.74 -27.27
CA ASN B 333 -10.55 25.10 -27.28
C ASN B 333 -9.91 25.48 -25.96
N ASN B 334 -10.43 24.98 -24.84
CA ASN B 334 -9.92 25.29 -23.50
C ASN B 334 -9.34 24.06 -22.83
N LYS B 335 -8.77 23.16 -23.59
CA LYS B 335 -8.30 21.91 -23.04
C LYS B 335 -7.27 22.06 -21.94
N ARG B 336 -6.36 22.98 -22.09
CA ARG B 336 -5.30 23.18 -21.10
CA ARG B 336 -5.31 23.16 -21.09
C ARG B 336 -5.76 24.03 -19.92
N ASP B 337 -7.03 24.39 -19.85
CA ASP B 337 -7.61 25.03 -18.68
C ASP B 337 -8.64 24.11 -18.01
N ILE B 338 -8.78 22.89 -18.50
CA ILE B 338 -9.74 21.92 -18.00
C ILE B 338 -9.00 20.69 -17.54
N ILE B 339 -9.12 20.35 -16.27
CA ILE B 339 -8.58 19.08 -15.80
C ILE B 339 -9.57 17.95 -16.05
N LYS B 340 -10.84 18.16 -15.70
CA LYS B 340 -11.85 17.14 -15.94
C LYS B 340 -13.21 17.80 -16.19
N GLY B 341 -13.86 17.40 -17.28
CA GLY B 341 -15.19 17.85 -17.60
C GLY B 341 -16.18 16.69 -17.46
N VAL B 342 -17.39 17.00 -17.00
CA VAL B 342 -18.44 16.02 -16.81
C VAL B 342 -19.71 16.55 -17.46
N ILE B 343 -20.48 15.64 -18.06
CA ILE B 343 -21.78 15.97 -18.65
C ILE B 343 -22.87 15.39 -17.77
N LYS B 344 -23.76 16.26 -17.30
CA LYS B 344 -24.91 15.83 -16.52
C LYS B 344 -26.10 15.67 -17.45
N ILE B 345 -26.79 14.53 -17.32
CA ILE B 345 -27.97 14.24 -18.11
C ILE B 345 -29.18 14.36 -17.21
N SER B 346 -30.06 15.30 -17.55
CA SER B 346 -31.23 15.63 -16.76
C SER B 346 -32.50 15.45 -17.61
N ASP B 347 -33.64 15.68 -16.98
CA ASP B 347 -34.94 15.68 -17.66
C ASP B 347 -35.19 14.33 -18.33
MG MG C . 12.32 -7.07 19.00
ZN ZN D . 24.26 -15.38 4.86
MG MG E . -12.13 6.87 -19.05
ZN ZN F . -11.77 -13.08 -23.13
CL CL G . -14.27 20.70 -8.43
#